data_2W98
#
_entry.id   2W98
#
_cell.length_a   141.014
_cell.length_b   82.793
_cell.length_c   69.097
_cell.angle_alpha   90.00
_cell.angle_beta   99.77
_cell.angle_gamma   90.00
#
_symmetry.space_group_name_H-M   'C 1 2 1'
#
loop_
_entity.id
_entity.type
_entity.pdbx_description
1 polymer 'PROSTAGLANDIN REDUCTASE 2'
2 non-polymer 'NADP NICOTINAMIDE-ADENINE-DINUCLEOTIDE PHOSPHATE'
3 non-polymer 4-BUTYL-1,2-DIPHENYL-PYRAZOLIDINE-3,5-DIONE
4 non-polymer 'PHOSPHATE ION'
5 non-polymer '(2S)-2-hydroxybutanedioic acid'
6 non-polymer 'CHLORIDE ION'
7 non-polymer 'SODIUM ION'
8 water water
#
_entity_poly.entity_id   1
_entity_poly.type   'polypeptide(L)'
_entity_poly.pdbx_seq_one_letter_code
;MMIVQRVVLNSRPGKNGNPVAENFRMEEVYLPDNINEGQVQVRTLYLSVDPYMRCRMNEDTGTDYITPWQLSQVVDGGGI
GIIEESKHTNLTKGDFVTSFYWPWQTKVILDGNSLEKVDPQLVDGHLSYFLGAIGMPGLTSLIGIQEKGHITAGSNKTMV
VSGAAGACGSVAGQIGHFLGCSRVVGICGTHEKCILLTSELGFDAAINYKKDNVAEQLRESCPAGVDVYFDNVGGNISDT
VISQMNENSHIILCGQISQYNKDVPYPPPLSPAIEAIQKERNITRERFLVLNYKDKFEPGILQLSQWFKEGKLKIKETVI
NGLENMGAAFQSMMTGGNIGKQIVCISEEIAENLYFQ
;
_entity_poly.pdbx_strand_id   A,B
#
# COMPACT_ATOMS: atom_id res chain seq x y z
N MET A 1 -8.00 -19.45 29.32
CA MET A 1 -7.05 -18.82 28.33
C MET A 1 -5.61 -18.92 28.81
N MET A 2 -4.68 -19.13 27.88
CA MET A 2 -3.29 -19.19 28.29
C MET A 2 -2.69 -17.79 28.29
N ILE A 3 -1.60 -17.63 29.03
CA ILE A 3 -0.91 -16.32 29.12
C ILE A 3 0.32 -16.34 28.22
N VAL A 4 0.46 -15.29 27.41
CA VAL A 4 1.60 -15.14 26.52
C VAL A 4 2.27 -13.81 26.78
N GLN A 5 3.46 -13.64 26.23
CA GLN A 5 4.23 -12.42 26.36
C GLN A 5 4.13 -11.60 25.07
N ARG A 6 4.12 -10.28 25.22
CA ARG A 6 4.14 -9.35 24.10
C ARG A 6 5.04 -8.18 24.41
N VAL A 7 5.45 -7.49 23.37
CA VAL A 7 6.23 -6.25 23.49
C VAL A 7 5.41 -5.08 22.97
N VAL A 8 5.36 -4.01 23.76
CA VAL A 8 4.68 -2.79 23.39
C VAL A 8 5.68 -1.62 23.34
N LEU A 9 5.31 -0.56 22.65
CA LEU A 9 6.18 0.63 22.64
C LEU A 9 6.00 1.37 23.96
N ASN A 10 7.10 1.47 24.72
CA ASN A 10 7.11 2.11 26.03
C ASN A 10 7.24 3.63 25.97
N SER A 11 8.16 4.09 25.12
CA SER A 11 8.46 5.51 25.03
C SER A 11 9.11 5.78 23.67
N ARG A 12 9.13 7.05 23.27
CA ARG A 12 9.76 7.45 22.02
C ARG A 12 11.12 8.07 22.28
N PRO A 13 12.11 7.83 21.41
CA PRO A 13 13.43 8.38 21.65
C PRO A 13 13.57 9.86 21.28
N GLY A 14 12.59 10.42 20.58
CA GLY A 14 12.70 11.76 20.00
C GLY A 14 13.23 11.66 18.59
N LYS A 15 12.86 12.59 17.73
CA LYS A 15 13.28 12.57 16.32
C LYS A 15 14.81 12.58 16.15
N ASN A 16 15.51 13.26 17.06
CA ASN A 16 16.97 13.28 17.05
C ASN A 16 17.64 12.35 18.06
N GLY A 17 16.89 11.42 18.63
CA GLY A 17 17.38 10.54 19.70
C GLY A 17 17.87 9.16 19.25
N ASN A 18 18.63 8.52 20.13
CA ASN A 18 19.09 7.17 19.91
C ASN A 18 18.07 6.19 20.50
N PRO A 19 17.76 5.13 19.76
CA PRO A 19 16.81 4.19 20.30
C PRO A 19 17.50 3.32 21.33
N VAL A 20 16.76 2.94 22.39
CA VAL A 20 17.31 2.13 23.46
C VAL A 20 16.33 1.02 23.82
N ALA A 21 16.84 -0.01 24.51
CA ALA A 21 16.00 -1.15 24.90
C ALA A 21 14.78 -0.70 25.69
N GLU A 22 14.96 0.33 26.52
CA GLU A 22 13.91 0.85 27.39
C GLU A 22 12.78 1.57 26.63
N ASN A 23 12.93 1.80 25.33
CA ASN A 23 11.82 2.30 24.53
C ASN A 23 10.74 1.24 24.29
N PHE A 24 11.05 -0.01 24.65
CA PHE A 24 10.13 -1.12 24.54
C PHE A 24 9.90 -1.73 25.91
N ARG A 25 8.73 -2.33 26.09
CA ARG A 25 8.34 -2.90 27.37
C ARG A 25 7.68 -4.24 27.15
N MET A 26 8.04 -5.22 27.97
CA MET A 26 7.43 -6.56 27.98
CA MET A 26 7.38 -6.51 27.87
C MET A 26 6.16 -6.58 28.81
N GLU A 27 5.10 -7.23 28.31
CA GLU A 27 3.85 -7.41 29.09
C GLU A 27 3.38 -8.81 28.89
N GLU A 28 2.54 -9.29 29.80
CA GLU A 28 1.84 -10.53 29.60
C GLU A 28 0.37 -10.25 29.34
N VAL A 29 -0.19 -11.00 28.37
CA VAL A 29 -1.58 -10.89 27.99
C VAL A 29 -2.21 -12.27 27.85
N TYR A 30 -3.53 -12.32 27.97
CA TYR A 30 -4.26 -13.56 27.72
C TYR A 30 -4.41 -13.76 26.23
N LEU A 31 -4.28 -15.01 25.78
CA LEU A 31 -4.58 -15.41 24.41
C LEU A 31 -5.96 -16.04 24.41
N PRO A 32 -6.89 -15.50 23.61
CA PRO A 32 -8.23 -16.10 23.53
C PRO A 32 -8.21 -17.59 23.19
N ASP A 33 -9.22 -18.31 23.69
CA ASP A 33 -9.28 -19.76 23.53
C ASP A 33 -9.90 -20.22 22.23
N ASN A 34 -10.58 -19.31 21.52
CA ASN A 34 -11.17 -19.65 20.23
CA ASN A 34 -11.19 -19.65 20.24
C ASN A 34 -10.75 -18.66 19.16
N ILE A 35 -10.76 -19.14 17.93
CA ILE A 35 -10.50 -18.29 16.76
C ILE A 35 -11.76 -18.33 15.88
N ASN A 36 -11.91 -17.31 15.04
CA ASN A 36 -13.05 -17.20 14.15
C ASN A 36 -12.71 -17.68 12.74
N GLU A 37 -13.74 -17.87 11.91
CA GLU A 37 -13.56 -18.24 10.51
C GLU A 37 -12.57 -17.30 9.81
N GLY A 38 -11.63 -17.89 9.06
CA GLY A 38 -10.62 -17.10 8.35
C GLY A 38 -9.37 -16.79 9.17
N GLN A 39 -9.41 -17.09 10.47
CA GLN A 39 -8.26 -16.83 11.33
C GLN A 39 -7.45 -18.09 11.57
N VAL A 40 -6.23 -17.89 12.06
CA VAL A 40 -5.33 -18.94 12.47
C VAL A 40 -4.67 -18.51 13.77
N GLN A 41 -4.33 -19.48 14.59
CA GLN A 41 -3.53 -19.25 15.76
C GLN A 41 -2.13 -19.76 15.44
N VAL A 42 -1.14 -18.90 15.65
CA VAL A 42 0.23 -19.19 15.22
C VAL A 42 1.17 -19.10 16.40
N ARG A 43 2.18 -19.98 16.44
CA ARG A 43 3.27 -19.85 17.41
CA ARG A 43 3.27 -19.87 17.41
C ARG A 43 4.43 -19.16 16.73
N THR A 44 4.85 -18.02 17.28
CA THR A 44 5.96 -17.23 16.75
C THR A 44 7.29 -17.94 16.99
N LEU A 45 8.08 -18.07 15.92
CA LEU A 45 9.37 -18.80 15.99
C LEU A 45 10.55 -17.84 15.94
N TYR A 46 10.55 -16.93 14.97
CA TYR A 46 11.57 -15.90 14.89
C TYR A 46 10.94 -14.56 14.52
N LEU A 47 11.57 -13.50 15.01
CA LEU A 47 11.22 -12.15 14.63
C LEU A 47 12.45 -11.39 14.14
N SER A 48 12.20 -10.49 13.20
CA SER A 48 13.20 -9.60 12.64
C SER A 48 13.29 -8.29 13.44
N VAL A 49 14.48 -7.68 13.41
CA VAL A 49 14.62 -6.26 13.69
C VAL A 49 15.29 -5.63 12.46
N ASP A 50 14.84 -4.43 12.12
CA ASP A 50 15.23 -3.79 10.88
C ASP A 50 15.39 -2.28 11.06
N PRO A 51 16.36 -1.69 10.38
CA PRO A 51 16.55 -0.24 10.47
C PRO A 51 15.33 0.64 10.23
N TYR A 52 14.43 0.26 9.29
CA TYR A 52 13.20 1.08 9.00
C TYR A 52 12.37 1.26 10.25
N MET A 53 12.50 0.34 11.21
CA MET A 53 11.74 0.43 12.44
C MET A 53 12.04 1.65 13.24
N ARG A 54 13.22 2.23 13.05
CA ARG A 54 13.56 3.44 13.75
C ARG A 54 12.53 4.54 13.51
N CYS A 55 12.10 4.74 12.25
CA CYS A 55 11.12 5.81 12.00
C CYS A 55 9.76 5.47 12.59
N ARG A 56 9.46 4.19 12.80
CA ARG A 56 8.18 3.78 13.38
C ARG A 56 8.08 4.16 14.85
N MET A 57 9.23 4.49 15.46
CA MET A 57 9.29 4.95 16.86
C MET A 57 8.97 6.44 17.04
N ASN A 58 9.01 7.19 15.94
CA ASN A 58 8.63 8.61 15.94
C ASN A 58 7.11 8.78 15.77
N GLU A 59 6.58 9.88 16.26
CA GLU A 59 5.15 10.18 16.13
C GLU A 59 4.72 10.27 14.68
N ASP A 60 5.59 10.81 13.84
CA ASP A 60 5.38 10.87 12.40
C ASP A 60 6.56 10.17 11.75
N THR A 61 6.28 9.17 10.94
CA THR A 61 7.37 8.41 10.32
C THR A 61 8.06 9.22 9.22
N GLY A 62 7.37 10.20 8.65
CA GLY A 62 7.91 11.00 7.53
C GLY A 62 7.84 10.29 6.18
N THR A 63 7.15 9.16 6.11
CA THR A 63 7.02 8.40 4.89
C THR A 63 5.58 7.88 4.80
N ASP A 64 4.96 8.02 3.64
CA ASP A 64 3.53 7.72 3.46
C ASP A 64 3.18 6.23 3.55
N TYR A 65 4.17 5.35 3.46
CA TYR A 65 3.88 3.90 3.46
C TYR A 65 4.28 3.17 4.76
N ILE A 66 4.76 3.92 5.75
CA ILE A 66 5.11 3.35 7.05
C ILE A 66 4.24 4.02 8.13
N THR A 67 3.46 3.25 8.93
CA THR A 67 2.67 3.83 10.03
C THR A 67 3.48 3.82 11.33
N PRO A 68 3.31 4.85 12.17
CA PRO A 68 4.02 4.87 13.45
C PRO A 68 3.47 3.86 14.42
N TRP A 69 4.37 3.25 15.19
CA TRP A 69 3.97 2.51 16.35
C TRP A 69 3.33 3.42 17.39
N GLN A 70 2.35 2.89 18.10
CA GLN A 70 1.60 3.66 19.09
C GLN A 70 2.00 3.25 20.48
N LEU A 71 2.08 4.22 21.39
CA LEU A 71 2.51 3.97 22.75
C LEU A 71 1.58 2.98 23.42
N SER A 72 2.18 2.03 24.15
CA SER A 72 1.45 0.98 24.90
C SER A 72 0.66 -0.03 24.05
N GLN A 73 0.86 0.02 22.73
CA GLN A 73 0.27 -0.97 21.83
CA GLN A 73 0.27 -0.96 21.81
C GLN A 73 1.35 -1.92 21.31
N VAL A 74 0.94 -3.15 20.97
CA VAL A 74 1.88 -4.18 20.52
C VAL A 74 2.63 -3.68 19.28
N VAL A 75 3.93 -3.94 19.24
CA VAL A 75 4.82 -3.65 18.10
CA VAL A 75 4.69 -3.60 18.03
C VAL A 75 4.73 -4.79 17.07
N ASP A 76 5.17 -4.54 15.84
CA ASP A 76 5.11 -5.55 14.79
C ASP A 76 6.25 -5.38 13.79
N GLY A 77 6.51 -6.48 13.07
CA GLY A 77 7.53 -6.50 12.04
C GLY A 77 7.61 -7.88 11.39
N GLY A 78 8.66 -8.10 10.61
CA GLY A 78 8.81 -9.36 9.95
C GLY A 78 8.87 -10.51 10.92
N GLY A 79 8.16 -11.59 10.60
CA GLY A 79 8.17 -12.76 11.45
C GLY A 79 7.89 -14.05 10.73
N ILE A 80 8.25 -15.14 11.39
CA ILE A 80 7.95 -16.47 10.90
C ILE A 80 7.51 -17.35 12.06
N GLY A 81 6.53 -18.20 11.80
CA GLY A 81 5.93 -18.99 12.83
C GLY A 81 5.31 -20.26 12.27
N ILE A 82 4.73 -21.04 13.17
CA ILE A 82 4.06 -22.29 12.80
C ILE A 82 2.59 -22.25 13.24
N ILE A 83 1.71 -22.68 12.33
CA ILE A 83 0.27 -22.66 12.58
CA ILE A 83 0.27 -22.68 12.56
C ILE A 83 -0.07 -23.78 13.59
N GLU A 84 -0.76 -23.40 14.66
CA GLU A 84 -1.19 -24.33 15.72
C GLU A 84 -2.65 -24.74 15.50
N GLU A 85 -3.45 -23.82 14.99
CA GLU A 85 -4.85 -24.10 14.68
C GLU A 85 -5.28 -23.20 13.52
N SER A 86 -6.13 -23.75 12.67
CA SER A 86 -6.59 -23.03 11.50
C SER A 86 -8.07 -23.19 11.26
N LYS A 87 -8.72 -22.06 10.99
CA LYS A 87 -10.05 -22.05 10.39
C LYS A 87 -9.99 -21.27 9.07
N HIS A 88 -8.83 -21.35 8.40
CA HIS A 88 -8.64 -20.78 7.08
C HIS A 88 -8.44 -21.94 6.10
N THR A 89 -9.08 -21.88 4.95
CA THR A 89 -9.12 -23.06 4.05
C THR A 89 -7.76 -23.40 3.41
N ASN A 90 -6.87 -22.41 3.31
CA ASN A 90 -5.56 -22.61 2.69
C ASN A 90 -4.41 -22.79 3.67
N LEU A 91 -4.71 -22.84 4.97
CA LEU A 91 -3.68 -23.07 5.97
C LEU A 91 -4.11 -24.17 6.92
N THR A 92 -3.15 -24.97 7.38
CA THR A 92 -3.45 -26.04 8.31
C THR A 92 -2.35 -26.13 9.34
N LYS A 93 -2.70 -26.73 10.48
CA LYS A 93 -1.76 -27.01 11.56
C LYS A 93 -0.47 -27.59 11.03
N GLY A 94 0.64 -26.99 11.46
CA GLY A 94 1.99 -27.42 11.08
C GLY A 94 2.62 -26.67 9.93
N ASP A 95 1.83 -25.87 9.19
CA ASP A 95 2.37 -25.03 8.13
C ASP A 95 3.23 -23.94 8.73
N PHE A 96 4.32 -23.62 8.05
CA PHE A 96 5.14 -22.49 8.41
C PHE A 96 4.68 -21.31 7.58
N VAL A 97 4.58 -20.16 8.22
CA VAL A 97 4.04 -18.96 7.58
C VAL A 97 4.86 -17.73 7.96
N THR A 98 4.79 -16.72 7.13
CA THR A 98 5.48 -15.44 7.36
C THR A 98 4.50 -14.29 7.19
N SER A 99 4.84 -13.16 7.83
CA SER A 99 4.15 -11.89 7.64
C SER A 99 5.14 -10.75 7.84
N PHE A 100 4.92 -9.63 7.15
CA PHE A 100 5.73 -8.40 7.34
C PHE A 100 5.26 -7.62 8.55
N TYR A 101 4.06 -7.95 9.04
CA TYR A 101 3.40 -7.26 10.14
C TYR A 101 3.04 -8.24 11.25
N TRP A 102 4.04 -8.99 11.70
CA TRP A 102 3.85 -10.02 12.72
C TRP A 102 3.92 -9.33 14.10
N PRO A 103 2.87 -9.48 14.91
CA PRO A 103 2.94 -8.84 16.25
C PRO A 103 4.04 -9.42 17.11
N TRP A 104 4.69 -8.60 17.90
CA TRP A 104 5.79 -9.03 18.76
C TRP A 104 5.18 -9.66 20.00
N GLN A 105 4.81 -10.92 19.85
CA GLN A 105 4.02 -11.68 20.84
C GLN A 105 4.26 -13.18 20.58
N THR A 106 4.33 -13.98 21.63
CA THR A 106 4.82 -15.37 21.51
C THR A 106 3.84 -16.30 20.78
N LYS A 107 2.55 -16.06 20.99
CA LYS A 107 1.50 -16.72 20.21
C LYS A 107 0.46 -15.69 19.85
N VAL A 108 -0.03 -15.79 18.62
CA VAL A 108 -0.86 -14.75 18.02
CA VAL A 108 -0.87 -14.75 18.03
C VAL A 108 -2.05 -15.36 17.26
N ILE A 109 -3.12 -14.57 17.17
CA ILE A 109 -4.27 -14.90 16.36
C ILE A 109 -4.27 -13.89 15.22
N LEU A 110 -4.19 -14.41 14.00
CA LEU A 110 -4.06 -13.58 12.80
C LEU A 110 -5.08 -13.99 11.73
N ASP A 111 -5.39 -13.05 10.86
CA ASP A 111 -6.16 -13.34 9.65
C ASP A 111 -5.26 -14.15 8.71
N GLY A 112 -5.73 -15.33 8.32
CA GLY A 112 -4.99 -16.24 7.44
C GLY A 112 -4.67 -15.62 6.10
N ASN A 113 -5.55 -14.72 5.64
CA ASN A 113 -5.35 -14.05 4.36
C ASN A 113 -4.12 -13.15 4.37
N SER A 114 -3.64 -12.77 5.56
CA SER A 114 -2.47 -11.92 5.69
C SER A 114 -1.10 -12.66 5.75
N LEU A 115 -1.12 -13.98 5.66
CA LEU A 115 0.09 -14.79 5.83
C LEU A 115 0.50 -15.41 4.51
N GLU A 116 1.79 -15.70 4.38
CA GLU A 116 2.31 -16.48 3.28
C GLU A 116 2.87 -17.79 3.78
N LYS A 117 2.43 -18.90 3.21
CA LYS A 117 2.99 -20.19 3.58
C LYS A 117 4.36 -20.34 2.92
N VAL A 118 5.35 -20.83 3.68
CA VAL A 118 6.71 -20.99 3.16
C VAL A 118 7.19 -22.44 3.20
N ASP A 119 8.11 -22.77 2.32
CA ASP A 119 8.60 -24.17 2.19
C ASP A 119 9.97 -24.29 2.88
N PRO A 120 10.03 -24.98 4.02
CA PRO A 120 11.28 -25.04 4.77
C PRO A 120 12.43 -25.72 4.00
N GLN A 121 12.12 -26.50 2.96
CA GLN A 121 13.15 -27.10 2.11
C GLN A 121 14.02 -26.03 1.48
N LEU A 122 13.45 -24.88 1.15
CA LEU A 122 14.20 -23.78 0.52
C LEU A 122 15.37 -23.26 1.38
N VAL A 123 15.25 -23.43 2.70
CA VAL A 123 16.25 -22.95 3.65
C VAL A 123 16.92 -24.10 4.41
N ASP A 124 16.76 -25.31 3.89
CA ASP A 124 17.24 -26.50 4.56
C ASP A 124 16.80 -26.57 6.02
N GLY A 125 15.55 -26.16 6.28
CA GLY A 125 14.99 -26.14 7.62
C GLY A 125 15.48 -25.04 8.53
N HIS A 126 16.38 -24.19 8.06
CA HIS A 126 16.87 -23.10 8.88
C HIS A 126 15.95 -21.89 8.68
N LEU A 127 14.82 -21.90 9.41
CA LEU A 127 13.70 -20.95 9.18
C LEU A 127 14.04 -19.48 9.29
N SER A 128 15.02 -19.15 10.14
CA SER A 128 15.40 -17.75 10.33
C SER A 128 15.98 -17.15 9.07
N TYR A 129 16.43 -17.98 8.12
CA TYR A 129 16.91 -17.45 6.85
C TYR A 129 15.82 -16.80 6.04
N PHE A 130 14.56 -17.17 6.29
CA PHE A 130 13.44 -16.51 5.63
C PHE A 130 13.27 -15.06 6.08
N LEU A 131 14.02 -14.60 7.09
CA LEU A 131 13.97 -13.20 7.52
C LEU A 131 15.23 -12.45 7.12
N GLY A 132 16.13 -13.13 6.41
CA GLY A 132 17.39 -12.52 6.02
C GLY A 132 17.76 -12.77 4.58
N ALA A 133 18.76 -13.62 4.39
CA ALA A 133 19.34 -13.83 3.05
C ALA A 133 18.39 -14.54 2.10
N ILE A 134 17.47 -15.35 2.61
CA ILE A 134 16.40 -15.94 1.78
C ILE A 134 15.08 -15.30 2.24
N GLY A 135 15.14 -13.98 2.45
CA GLY A 135 14.01 -13.17 2.91
C GLY A 135 14.12 -11.77 2.36
N MET A 136 13.51 -10.80 3.04
CA MET A 136 13.45 -9.43 2.50
C MET A 136 14.83 -8.81 2.25
N PRO A 137 15.78 -8.98 3.18
CA PRO A 137 17.06 -8.33 2.87
C PRO A 137 17.73 -8.92 1.63
N GLY A 138 17.71 -10.25 1.51
CA GLY A 138 18.24 -10.93 0.33
C GLY A 138 17.57 -10.49 -0.94
N LEU A 139 16.25 -10.39 -0.90
CA LEU A 139 15.49 -9.90 -2.05
C LEU A 139 15.83 -8.48 -2.39
N THR A 140 15.99 -7.65 -1.36
CA THR A 140 16.37 -6.26 -1.57
C THR A 140 17.71 -6.15 -2.29
N SER A 141 18.67 -6.94 -1.87
CA SER A 141 19.97 -6.97 -2.53
C SER A 141 19.92 -7.48 -3.97
N LEU A 142 19.25 -8.60 -4.17
CA LEU A 142 19.21 -9.21 -5.51
C LEU A 142 18.43 -8.32 -6.48
N ILE A 143 17.23 -7.92 -6.06
CA ILE A 143 16.38 -7.12 -6.94
C ILE A 143 16.98 -5.73 -7.12
N GLY A 144 17.56 -5.16 -6.06
CA GLY A 144 18.27 -3.88 -6.18
C GLY A 144 19.35 -3.92 -7.22
N ILE A 145 20.20 -4.95 -7.16
CA ILE A 145 21.30 -5.08 -8.11
C ILE A 145 20.73 -5.28 -9.53
N GLN A 146 19.75 -6.17 -9.67
CA GLN A 146 19.16 -6.41 -10.99
C GLN A 146 18.49 -5.17 -11.58
N GLU A 147 17.78 -4.43 -10.75
CA GLU A 147 16.99 -3.32 -11.28
C GLU A 147 17.74 -2.02 -11.34
N LYS A 148 18.71 -1.80 -10.46
CA LYS A 148 19.40 -0.51 -10.39
C LYS A 148 20.90 -0.54 -10.59
N GLY A 149 21.53 -1.72 -10.63
CA GLY A 149 22.99 -1.86 -10.67
C GLY A 149 23.61 -1.75 -12.05
N HIS A 150 22.88 -2.13 -13.09
CA HIS A 150 23.41 -2.19 -14.45
C HIS A 150 24.70 -2.99 -14.54
N ILE A 151 24.69 -4.17 -13.94
CA ILE A 151 25.82 -5.05 -14.03
C ILE A 151 25.54 -6.02 -15.17
N THR A 152 26.53 -6.21 -16.05
CA THR A 152 26.40 -7.15 -17.18
C THR A 152 27.03 -8.49 -16.81
N SER A 155 31.01 -6.45 -18.75
CA SER A 155 31.48 -5.48 -17.78
C SER A 155 32.45 -6.11 -16.79
N ASN A 156 33.52 -5.41 -16.49
CA ASN A 156 34.43 -5.80 -15.41
C ASN A 156 34.34 -4.68 -14.38
N LYS A 157 33.14 -4.54 -13.81
CA LYS A 157 32.81 -3.42 -12.95
C LYS A 157 33.28 -3.58 -11.52
N THR A 158 33.43 -2.43 -10.85
CA THR A 158 33.76 -2.38 -9.44
C THR A 158 32.54 -1.95 -8.64
N MET A 159 32.17 -2.77 -7.67
CA MET A 159 31.10 -2.46 -6.73
C MET A 159 31.66 -2.09 -5.35
N VAL A 160 31.10 -1.07 -4.74
CA VAL A 160 31.32 -0.74 -3.33
C VAL A 160 29.99 -0.97 -2.59
N VAL A 161 30.07 -1.60 -1.45
CA VAL A 161 28.89 -1.82 -0.62
C VAL A 161 29.12 -1.17 0.73
N SER A 162 28.22 -0.28 1.15
CA SER A 162 28.25 0.25 2.52
C SER A 162 27.31 -0.61 3.36
N GLY A 163 27.41 -0.51 4.69
CA GLY A 163 26.75 -1.48 5.57
C GLY A 163 27.06 -2.92 5.17
N ALA A 164 28.32 -3.17 4.83
CA ALA A 164 28.71 -4.38 4.11
C ALA A 164 28.56 -5.68 4.87
N ALA A 165 28.63 -5.62 6.19
CA ALA A 165 28.54 -6.81 7.02
C ALA A 165 27.17 -6.98 7.66
N GLY A 166 26.19 -6.22 7.18
CA GLY A 166 24.82 -6.35 7.61
C GLY A 166 24.04 -7.32 6.73
N ALA A 167 22.73 -7.39 6.97
CA ALA A 167 21.86 -8.33 6.28
C ALA A 167 21.85 -8.11 4.77
N CYS A 168 21.50 -6.89 4.34
CA CYS A 168 21.49 -6.55 2.92
C CYS A 168 22.89 -6.57 2.33
N GLY A 169 23.81 -5.89 3.01
CA GLY A 169 25.13 -5.69 2.49
C GLY A 169 25.93 -6.95 2.29
N SER A 170 25.83 -7.89 3.23
CA SER A 170 26.62 -9.11 3.16
C SER A 170 26.18 -9.94 1.97
N VAL A 171 24.90 -9.86 1.61
CA VAL A 171 24.36 -10.54 0.44
C VAL A 171 24.67 -9.78 -0.84
N ALA A 172 24.50 -8.45 -0.83
CA ALA A 172 24.74 -7.60 -2.00
C ALA A 172 26.13 -7.82 -2.59
N GLY A 173 27.15 -7.84 -1.73
CA GLY A 173 28.53 -7.97 -2.18
C GLY A 173 28.79 -9.31 -2.83
N GLN A 174 28.17 -10.36 -2.32
CA GLN A 174 28.31 -11.67 -2.93
C GLN A 174 27.61 -11.71 -4.29
N ILE A 175 26.39 -11.19 -4.35
CA ILE A 175 25.63 -11.14 -5.61
C ILE A 175 26.35 -10.31 -6.67
N GLY A 176 27.02 -9.24 -6.23
CA GLY A 176 27.82 -8.44 -7.17
C GLY A 176 28.83 -9.29 -7.88
N HIS A 177 29.51 -10.14 -7.14
CA HIS A 177 30.43 -11.12 -7.75
C HIS A 177 29.70 -12.15 -8.60
N PHE A 178 28.59 -12.68 -8.13
CA PHE A 178 27.84 -13.68 -8.92
C PHE A 178 27.42 -13.12 -10.26
N LEU A 179 27.05 -11.84 -10.30
CA LEU A 179 26.44 -11.27 -11.49
C LEU A 179 27.40 -10.48 -12.38
N GLY A 180 28.71 -10.58 -12.12
CA GLY A 180 29.72 -10.10 -13.08
C GLY A 180 30.64 -8.95 -12.68
N CYS A 181 30.53 -8.43 -11.45
CA CYS A 181 31.54 -7.49 -10.98
C CYS A 181 32.87 -8.18 -10.81
N SER A 182 33.95 -7.54 -11.25
CA SER A 182 35.27 -8.11 -11.07
C SER A 182 35.80 -7.74 -9.69
N ARG A 183 35.36 -6.62 -9.14
CA ARG A 183 35.83 -6.19 -7.83
C ARG A 183 34.66 -5.78 -6.93
N VAL A 184 34.71 -6.21 -5.68
CA VAL A 184 33.68 -5.88 -4.69
C VAL A 184 34.40 -5.50 -3.42
N VAL A 185 34.14 -4.27 -2.98
CA VAL A 185 34.80 -3.66 -1.82
C VAL A 185 33.74 -3.24 -0.82
N GLY A 186 33.95 -3.61 0.44
CA GLY A 186 32.98 -3.37 1.47
C GLY A 186 33.43 -2.33 2.45
N ILE A 187 32.49 -1.52 2.92
CA ILE A 187 32.74 -0.56 3.99
C ILE A 187 31.88 -0.95 5.17
N CYS A 188 32.51 -1.12 6.34
CA CYS A 188 31.80 -1.52 7.55
C CYS A 188 32.47 -0.96 8.79
N GLY A 189 31.86 -1.24 9.94
CA GLY A 189 32.19 -0.51 11.18
C GLY A 189 33.20 -1.14 12.13
N THR A 190 33.63 -2.37 11.86
CA THR A 190 34.61 -3.06 12.71
C THR A 190 35.63 -3.87 11.91
N HIS A 191 36.83 -4.07 12.46
CA HIS A 191 37.83 -4.90 11.80
C HIS A 191 37.38 -6.37 11.76
N GLU A 192 36.66 -6.81 12.79
CA GLU A 192 36.07 -8.16 12.78
C GLU A 192 35.18 -8.37 11.54
N LYS A 193 34.35 -7.39 11.27
CA LYS A 193 33.51 -7.42 10.08
C LYS A 193 34.33 -7.41 8.79
N CYS A 194 35.40 -6.62 8.75
CA CYS A 194 36.26 -6.57 7.56
C CYS A 194 36.83 -7.94 7.23
N ILE A 195 37.27 -8.65 8.26
CA ILE A 195 37.83 -10.00 8.09
C ILE A 195 36.79 -10.98 7.56
N LEU A 196 35.58 -10.87 8.10
CA LEU A 196 34.48 -11.71 7.62
C LEU A 196 34.28 -11.50 6.14
N LEU A 197 34.25 -10.23 5.72
CA LEU A 197 33.94 -9.92 4.33
C LEU A 197 34.97 -10.55 3.37
N THR A 198 36.24 -10.40 3.69
CA THR A 198 37.29 -10.84 2.80
C THR A 198 37.62 -12.32 2.98
N SER A 199 37.52 -12.84 4.19
CA SER A 199 37.92 -14.23 4.44
C SER A 199 36.80 -15.26 4.21
N GLU A 200 35.55 -14.85 4.39
CA GLU A 200 34.40 -15.75 4.23
C GLU A 200 33.48 -15.42 3.07
N LEU A 201 33.26 -14.14 2.78
CA LEU A 201 32.23 -13.72 1.82
C LEU A 201 32.75 -13.31 0.46
N GLY A 202 34.05 -13.46 0.25
CA GLY A 202 34.64 -13.26 -1.07
C GLY A 202 34.80 -11.82 -1.51
N PHE A 203 34.60 -10.86 -0.61
CA PHE A 203 34.89 -9.46 -0.96
C PHE A 203 36.39 -9.33 -1.23
N ASP A 204 36.73 -8.50 -2.20
CA ASP A 204 38.13 -8.26 -2.57
C ASP A 204 38.85 -7.39 -1.57
N ALA A 205 38.13 -6.46 -0.94
CA ALA A 205 38.69 -5.61 0.09
C ALA A 205 37.60 -5.13 1.04
N ALA A 206 38.00 -4.76 2.24
CA ALA A 206 37.09 -4.26 3.25
C ALA A 206 37.76 -3.05 3.92
N ILE A 207 36.93 -2.07 4.28
CA ILE A 207 37.36 -0.81 4.88
C ILE A 207 36.54 -0.54 6.15
N ASN A 208 37.23 -0.27 7.25
CA ASN A 208 36.60 0.08 8.51
C ASN A 208 36.44 1.60 8.56
N TYR A 209 35.20 2.08 8.44
CA TYR A 209 34.97 3.53 8.34
C TYR A 209 35.27 4.28 9.66
N LYS A 210 35.30 3.57 10.78
CA LYS A 210 35.59 4.21 12.07
C LYS A 210 37.09 4.47 12.26
N LYS A 211 37.92 3.58 11.72
CA LYS A 211 39.33 3.56 12.03
C LYS A 211 40.25 3.73 10.82
N ASP A 212 39.74 3.53 9.61
CA ASP A 212 40.56 3.65 8.41
C ASP A 212 40.30 5.00 7.74
N ASN A 213 41.24 5.42 6.90
CA ASN A 213 41.02 6.57 6.03
C ASN A 213 40.25 6.08 4.81
N VAL A 214 38.95 6.34 4.78
CA VAL A 214 38.08 5.72 3.78
C VAL A 214 38.46 6.15 2.35
N ALA A 215 38.69 7.45 2.15
CA ALA A 215 39.05 7.96 0.82
C ALA A 215 40.30 7.27 0.28
N GLU A 216 41.35 7.19 1.08
CA GLU A 216 42.59 6.62 0.53
C GLU A 216 42.51 5.10 0.38
N GLN A 217 41.79 4.43 1.26
CA GLN A 217 41.60 2.98 1.10
C GLN A 217 40.79 2.65 -0.15
N LEU A 218 39.81 3.50 -0.48
CA LEU A 218 39.04 3.31 -1.71
C LEU A 218 39.91 3.58 -2.94
N ARG A 219 40.80 4.56 -2.87
CA ARG A 219 41.73 4.75 -3.97
C ARG A 219 42.61 3.53 -4.20
N GLU A 220 43.06 2.89 -3.13
CA GLU A 220 43.93 1.69 -3.25
C GLU A 220 43.15 0.46 -3.71
N SER A 221 41.97 0.27 -3.15
CA SER A 221 41.19 -0.94 -3.40
C SER A 221 40.27 -0.85 -4.62
N CYS A 222 39.98 0.36 -5.08
CA CYS A 222 39.19 0.60 -6.29
C CYS A 222 40.00 1.43 -7.28
N PRO A 223 41.11 0.87 -7.77
CA PRO A 223 42.01 1.67 -8.61
C PRO A 223 41.38 2.12 -9.95
N ALA A 224 40.31 1.46 -10.38
CA ALA A 224 39.61 1.84 -11.62
C ALA A 224 38.30 2.63 -11.35
N GLY A 225 38.17 3.18 -10.14
CA GLY A 225 36.97 3.92 -9.78
C GLY A 225 35.83 2.98 -9.41
N VAL A 226 34.68 3.56 -9.07
CA VAL A 226 33.52 2.79 -8.61
C VAL A 226 32.39 2.89 -9.63
N ASP A 227 31.91 1.74 -10.10
CA ASP A 227 30.83 1.69 -11.09
C ASP A 227 29.44 1.50 -10.48
N VAL A 228 29.38 0.79 -9.35
CA VAL A 228 28.12 0.53 -8.68
C VAL A 228 28.33 0.72 -7.20
N TYR A 229 27.46 1.49 -6.57
CA TYR A 229 27.51 1.70 -5.12
C TYR A 229 26.21 1.23 -4.49
N PHE A 230 26.29 0.11 -3.74
CA PHE A 230 25.14 -0.40 -3.00
C PHE A 230 25.13 0.31 -1.65
N ASP A 231 24.27 1.32 -1.54
CA ASP A 231 24.30 2.26 -0.42
C ASP A 231 23.24 1.90 0.62
N ASN A 232 23.70 1.48 1.79
CA ASN A 232 22.85 1.18 2.96
C ASN A 232 22.91 2.31 4.01
N VAL A 233 23.86 3.23 3.88
CA VAL A 233 24.22 4.08 5.02
C VAL A 233 24.08 5.59 4.86
N GLY A 234 24.36 6.08 3.67
CA GLY A 234 24.29 7.51 3.41
C GLY A 234 25.37 8.31 4.14
N GLY A 235 25.10 9.59 4.32
CA GLY A 235 25.97 10.48 5.10
C GLY A 235 27.35 10.67 4.49
N ASN A 236 28.34 10.88 5.37
CA ASN A 236 29.70 11.15 4.95
CA ASN A 236 29.71 11.16 4.94
C ASN A 236 30.36 10.00 4.21
N ILE A 237 30.00 8.76 4.57
CA ILE A 237 30.55 7.60 3.90
C ILE A 237 30.16 7.63 2.43
N SER A 238 28.88 7.90 2.15
CA SER A 238 28.40 7.93 0.76
C SER A 238 29.03 9.08 -0.02
N ASP A 239 29.17 10.23 0.62
CA ASP A 239 29.89 11.36 0.02
C ASP A 239 31.28 10.95 -0.46
N THR A 240 31.98 10.21 0.37
CA THR A 240 33.33 9.75 0.04
C THR A 240 33.31 8.77 -1.13
N VAL A 241 32.36 7.82 -1.14
CA VAL A 241 32.27 6.84 -2.24
C VAL A 241 31.86 7.53 -3.54
N ILE A 242 30.85 8.39 -3.46
CA ILE A 242 30.36 9.08 -4.67
C ILE A 242 31.48 9.86 -5.36
N SER A 243 32.34 10.49 -4.56
CA SER A 243 33.48 11.25 -5.09
C SER A 243 34.46 10.43 -5.91
N GLN A 244 34.43 9.11 -5.75
CA GLN A 244 35.27 8.20 -6.55
C GLN A 244 34.50 7.37 -7.57
N MET A 245 33.26 7.75 -7.84
CA MET A 245 32.44 7.02 -8.80
C MET A 245 32.67 7.47 -10.24
N ASN A 246 32.54 6.50 -11.14
CA ASN A 246 32.84 6.69 -12.56
C ASN A 246 31.70 7.35 -13.32
N GLU A 247 32.01 7.82 -14.53
CA GLU A 247 31.01 8.37 -15.42
C GLU A 247 29.94 7.29 -15.66
N ASN A 248 28.67 7.69 -15.66
CA ASN A 248 27.55 6.79 -15.95
C ASN A 248 27.40 5.64 -14.94
N SER A 249 27.89 5.84 -13.73
CA SER A 249 27.78 4.83 -12.67
C SER A 249 26.40 4.90 -12.01
N HIS A 250 26.15 3.97 -11.09
CA HIS A 250 24.83 3.82 -10.48
C HIS A 250 24.90 3.63 -8.98
N ILE A 251 24.11 4.43 -8.26
CA ILE A 251 23.98 4.29 -6.81
C ILE A 251 22.68 3.53 -6.56
N ILE A 252 22.80 2.35 -5.95
CA ILE A 252 21.62 1.59 -5.53
C ILE A 252 21.24 2.15 -4.17
N LEU A 253 20.20 2.96 -4.15
CA LEU A 253 19.85 3.75 -2.97
C LEU A 253 18.93 2.86 -2.13
N CYS A 254 19.56 1.99 -1.36
CA CYS A 254 18.84 1.00 -0.57
C CYS A 254 18.35 1.63 0.75
N GLY A 255 19.27 2.16 1.54
CA GLY A 255 18.93 2.90 2.72
C GLY A 255 19.97 3.94 3.09
N GLN A 256 19.70 4.68 4.17
CA GLN A 256 20.57 5.77 4.64
C GLN A 256 20.65 5.75 6.17
N ILE A 257 21.03 4.61 6.75
CA ILE A 257 20.92 4.41 8.19
C ILE A 257 21.67 5.45 9.05
N SER A 258 22.72 6.05 8.52
CA SER A 258 23.44 7.11 9.26
C SER A 258 22.56 8.31 9.62
N GLN A 259 21.45 8.46 8.90
CA GLN A 259 20.51 9.56 9.09
C GLN A 259 19.26 9.23 9.93
N TYR A 260 19.05 7.96 10.31
CA TYR A 260 17.74 7.56 10.85
C TYR A 260 17.47 8.12 12.24
N ASN A 261 18.51 8.47 12.99
CA ASN A 261 18.35 9.05 14.33
C ASN A 261 18.38 10.58 14.29
N LYS A 262 18.11 11.15 13.13
CA LYS A 262 18.11 12.60 12.92
C LYS A 262 16.76 13.00 12.34
N ASP A 263 16.34 14.21 12.68
CA ASP A 263 15.09 14.75 12.17
C ASP A 263 15.33 15.31 10.78
N VAL A 264 15.51 14.43 9.81
CA VAL A 264 15.65 14.81 8.41
C VAL A 264 14.80 13.90 7.53
N PRO A 265 14.23 14.44 6.44
CA PRO A 265 13.35 13.62 5.59
C PRO A 265 14.10 12.54 4.82
N TYR A 266 13.36 11.51 4.44
CA TYR A 266 13.87 10.42 3.63
C TYR A 266 13.21 10.51 2.25
N PRO A 267 13.99 10.40 1.17
CA PRO A 267 15.45 10.22 1.15
C PRO A 267 16.15 11.55 1.36
N PRO A 268 17.31 11.52 2.03
CA PRO A 268 18.01 12.79 2.24
C PRO A 268 18.74 13.24 0.97
N PRO A 269 18.78 14.55 0.71
CA PRO A 269 19.48 15.01 -0.48
C PRO A 269 21.00 14.93 -0.29
N LEU A 270 21.72 14.88 -1.40
CA LEU A 270 23.16 14.98 -1.33
C LEU A 270 23.51 16.46 -1.12
N SER A 271 24.62 16.73 -0.45
CA SER A 271 25.12 18.11 -0.30
C SER A 271 25.38 18.77 -1.66
N PRO A 272 25.41 20.11 -1.71
CA PRO A 272 25.59 20.74 -3.03
C PRO A 272 26.83 20.25 -3.81
N ALA A 273 27.96 20.10 -3.12
CA ALA A 273 29.20 19.63 -3.75
C ALA A 273 29.10 18.21 -4.32
N ILE A 274 28.45 17.35 -3.56
CA ILE A 274 28.33 15.95 -3.93
C ILE A 274 27.26 15.76 -4.99
N GLU A 275 26.16 16.49 -4.88
CA GLU A 275 25.18 16.50 -5.97
C GLU A 275 25.79 17.02 -7.29
N ALA A 276 26.67 18.02 -7.19
CA ALA A 276 27.36 18.52 -8.37
C ALA A 276 28.13 17.42 -9.08
N ILE A 277 28.91 16.66 -8.32
CA ILE A 277 29.64 15.50 -8.82
C ILE A 277 28.68 14.50 -9.46
N GLN A 278 27.58 14.18 -8.78
CA GLN A 278 26.58 13.25 -9.29
C GLN A 278 26.08 13.69 -10.66
N LYS A 279 25.71 14.95 -10.79
CA LYS A 279 25.19 15.47 -12.06
C LYS A 279 26.26 15.54 -13.15
N GLU A 280 27.46 16.03 -12.83
CA GLU A 280 28.54 16.10 -13.83
C GLU A 280 28.95 14.73 -14.39
N ARG A 281 28.97 13.72 -13.53
CA ARG A 281 29.38 12.37 -13.92
C ARG A 281 28.22 11.49 -14.41
N ASN A 282 27.01 12.04 -14.48
CA ASN A 282 25.82 11.33 -14.92
C ASN A 282 25.60 10.06 -14.09
N ILE A 283 25.68 10.23 -12.78
CA ILE A 283 25.48 9.12 -11.84
C ILE A 283 24.00 9.06 -11.52
N THR A 284 23.44 7.87 -11.59
CA THR A 284 22.02 7.69 -11.33
C THR A 284 21.80 7.35 -9.84
N ARG A 285 20.82 7.99 -9.22
CA ARG A 285 20.50 7.74 -7.82
C ARG A 285 18.98 7.82 -7.66
N GLU A 286 18.31 6.71 -7.97
CA GLU A 286 16.85 6.65 -7.89
C GLU A 286 16.39 5.97 -6.60
N ARG A 287 15.23 6.38 -6.08
CA ARG A 287 14.76 5.74 -4.87
C ARG A 287 14.45 4.28 -5.19
N PHE A 288 14.84 3.38 -4.30
CA PHE A 288 14.55 1.96 -4.52
C PHE A 288 13.73 1.46 -3.35
N LEU A 289 12.57 0.86 -3.67
CA LEU A 289 11.69 0.26 -2.68
C LEU A 289 11.41 -1.19 -3.08
N VAL A 290 11.90 -2.16 -2.30
CA VAL A 290 11.83 -3.56 -2.74
C VAL A 290 10.37 -4.00 -2.91
N LEU A 291 9.47 -3.40 -2.13
CA LEU A 291 8.05 -3.74 -2.23
C LEU A 291 7.40 -3.31 -3.55
N ASN A 292 8.06 -2.46 -4.34
CA ASN A 292 7.63 -2.16 -5.72
C ASN A 292 7.83 -3.32 -6.70
N TYR A 293 8.45 -4.42 -6.24
CA TYR A 293 8.80 -5.54 -7.12
C TYR A 293 8.32 -6.85 -6.54
N LYS A 294 7.14 -6.83 -5.92
CA LYS A 294 6.60 -8.03 -5.27
CA LYS A 294 6.60 -8.03 -5.27
C LYS A 294 6.42 -9.19 -6.25
N ASP A 295 6.15 -8.86 -7.51
CA ASP A 295 6.05 -9.87 -8.58
C ASP A 295 7.36 -10.63 -8.83
N LYS A 296 8.49 -10.11 -8.32
CA LYS A 296 9.78 -10.76 -8.49
C LYS A 296 10.23 -11.52 -7.26
N PHE A 297 9.38 -11.61 -6.24
CA PHE A 297 9.80 -12.21 -4.98
C PHE A 297 9.94 -13.73 -5.16
N GLU A 298 9.05 -14.32 -5.96
CA GLU A 298 9.17 -15.75 -6.20
C GLU A 298 10.50 -16.11 -6.87
N PRO A 299 10.76 -15.52 -8.05
CA PRO A 299 12.06 -15.87 -8.65
C PRO A 299 13.23 -15.49 -7.76
N GLY A 300 13.12 -14.37 -7.03
CA GLY A 300 14.17 -13.92 -6.12
C GLY A 300 14.47 -14.96 -5.07
N ILE A 301 13.45 -15.40 -4.35
CA ILE A 301 13.61 -16.40 -3.31
C ILE A 301 14.15 -17.71 -3.87
N LEU A 302 13.62 -18.16 -4.99
CA LEU A 302 14.11 -19.39 -5.60
C LEU A 302 15.61 -19.29 -5.97
N GLN A 303 16.03 -18.14 -6.47
CA GLN A 303 17.45 -17.92 -6.83
C GLN A 303 18.34 -17.84 -5.59
N LEU A 304 17.90 -17.12 -4.57
CA LEU A 304 18.66 -17.00 -3.31
C LEU A 304 18.83 -18.37 -2.68
N SER A 305 17.74 -19.12 -2.63
CA SER A 305 17.78 -20.49 -2.16
C SER A 305 18.73 -21.38 -2.96
N GLN A 306 18.66 -21.28 -4.28
CA GLN A 306 19.50 -22.11 -5.14
C GLN A 306 21.01 -21.80 -4.91
N TRP A 307 21.34 -20.51 -4.83
CA TRP A 307 22.72 -20.11 -4.53
C TRP A 307 23.17 -20.59 -3.16
N PHE A 308 22.26 -20.51 -2.18
CA PHE A 308 22.57 -21.05 -0.87
C PHE A 308 22.84 -22.57 -0.93
N LYS A 309 21.95 -23.31 -1.59
CA LYS A 309 22.05 -24.76 -1.63
C LYS A 309 23.26 -25.22 -2.44
N GLU A 310 23.66 -24.42 -3.42
CA GLU A 310 24.87 -24.69 -4.22
C GLU A 310 26.16 -24.43 -3.45
N GLY A 311 26.07 -23.79 -2.28
CA GLY A 311 27.24 -23.40 -1.51
C GLY A 311 27.88 -22.10 -1.92
N LYS A 312 27.23 -21.34 -2.80
CA LYS A 312 27.79 -20.09 -3.30
C LYS A 312 27.49 -18.93 -2.37
N LEU A 313 26.24 -18.84 -1.95
CA LEU A 313 25.78 -17.76 -1.09
C LEU A 313 26.02 -18.14 0.36
N LYS A 314 26.84 -17.34 1.03
CA LYS A 314 27.16 -17.56 2.44
C LYS A 314 26.24 -16.71 3.30
N ILE A 315 25.56 -17.35 4.24
CA ILE A 315 24.52 -16.67 5.01
C ILE A 315 25.01 -16.50 6.43
N LYS A 316 25.08 -15.24 6.87
CA LYS A 316 25.54 -14.90 8.21
C LYS A 316 24.37 -14.32 8.99
N GLU A 317 24.27 -14.70 10.26
CA GLU A 317 23.24 -14.13 11.15
C GLU A 317 23.72 -14.05 12.57
N THR A 318 23.08 -13.19 13.33
CA THR A 318 23.35 -13.03 14.74
C THR A 318 22.02 -13.22 15.44
N VAL A 319 21.94 -14.26 16.25
CA VAL A 319 20.70 -14.63 16.94
C VAL A 319 20.77 -14.33 18.43
N ILE A 320 19.76 -13.60 18.92
CA ILE A 320 19.55 -13.38 20.36
C ILE A 320 18.30 -14.16 20.73
N ASN A 321 18.28 -14.78 21.92
CA ASN A 321 17.14 -15.58 22.36
C ASN A 321 16.19 -14.82 23.27
N GLY A 322 14.90 -14.99 23.03
CA GLY A 322 13.87 -14.52 23.95
C GLY A 322 13.19 -13.21 23.51
N LEU A 323 11.85 -13.21 23.59
CA LEU A 323 11.07 -12.01 23.27
C LEU A 323 11.43 -10.82 24.15
N GLU A 324 11.83 -11.11 25.39
CA GLU A 324 12.27 -10.05 26.31
C GLU A 324 13.45 -9.24 25.78
N ASN A 325 14.18 -9.80 24.80
CA ASN A 325 15.35 -9.16 24.21
C ASN A 325 15.12 -8.44 22.86
N MET A 326 13.86 -8.28 22.46
CA MET A 326 13.56 -7.54 21.22
C MET A 326 14.15 -6.14 21.25
N GLY A 327 13.91 -5.43 22.35
CA GLY A 327 14.41 -4.06 22.48
C GLY A 327 15.93 -3.99 22.39
N ALA A 328 16.59 -4.89 23.13
CA ALA A 328 18.05 -4.99 23.14
C ALA A 328 18.59 -5.36 21.75
N ALA A 329 17.89 -6.26 21.05
CA ALA A 329 18.30 -6.68 19.72
C ALA A 329 18.25 -5.52 18.74
N PHE A 330 17.17 -4.73 18.84
CA PHE A 330 17.02 -3.57 17.98
C PHE A 330 18.13 -2.53 18.25
N GLN A 331 18.36 -2.23 19.52
CA GLN A 331 19.41 -1.30 19.92
CA GLN A 331 19.41 -1.30 19.90
C GLN A 331 20.76 -1.79 19.40
N SER A 332 21.03 -3.08 19.61
CA SER A 332 22.29 -3.68 19.19
C SER A 332 22.47 -3.58 17.68
N MET A 333 21.45 -3.93 16.92
CA MET A 333 21.54 -3.85 15.47
C MET A 333 21.80 -2.40 15.01
N MET A 334 21.10 -1.45 15.62
CA MET A 334 21.23 -0.07 15.19
C MET A 334 22.64 0.49 15.45
N THR A 335 23.36 -0.11 16.39
CA THR A 335 24.73 0.32 16.73
C THR A 335 25.80 -0.70 16.31
N GLY A 336 25.46 -1.62 15.42
CA GLY A 336 26.46 -2.45 14.77
C GLY A 336 26.83 -3.71 15.52
N GLY A 337 26.04 -4.10 16.52
CA GLY A 337 26.29 -5.34 17.22
C GLY A 337 26.11 -6.61 16.39
N ASN A 338 25.34 -6.51 15.30
CA ASN A 338 25.06 -7.66 14.45
C ASN A 338 26.09 -7.89 13.36
N ILE A 339 26.42 -9.15 13.14
CA ILE A 339 27.10 -9.59 11.95
C ILE A 339 26.07 -10.37 11.11
N GLY A 340 25.86 -9.93 9.89
CA GLY A 340 24.75 -10.42 9.10
C GLY A 340 23.42 -10.03 9.71
N LYS A 341 22.41 -10.87 9.48
CA LYS A 341 21.06 -10.56 9.89
C LYS A 341 20.86 -10.69 11.39
N GLN A 342 20.33 -9.62 12.00
CA GLN A 342 19.88 -9.72 13.41
C GLN A 342 18.54 -10.43 13.50
N ILE A 343 18.52 -11.50 14.27
CA ILE A 343 17.36 -12.35 14.50
C ILE A 343 17.08 -12.49 15.98
N VAL A 344 15.81 -12.55 16.35
CA VAL A 344 15.45 -12.92 17.72
C VAL A 344 14.66 -14.24 17.67
N CYS A 345 15.20 -15.26 18.34
CA CYS A 345 14.54 -16.55 18.49
C CYS A 345 13.52 -16.53 19.64
N ILE A 346 12.26 -16.75 19.30
CA ILE A 346 11.18 -16.56 20.23
C ILE A 346 10.75 -17.86 20.91
N SER A 347 10.94 -19.01 20.26
CA SER A 347 10.62 -20.33 20.84
C SER A 347 11.74 -21.36 20.67
N GLU A 348 11.59 -22.55 21.25
CA GLU A 348 12.57 -23.64 21.03
C GLU A 348 12.61 -24.14 19.58
N GLU A 349 13.82 -24.30 19.04
CA GLU A 349 14.05 -24.83 17.71
C GLU A 349 13.76 -26.34 17.66
N ILE A 350 12.62 -26.70 17.06
CA ILE A 350 12.21 -28.11 16.94
C ILE A 350 12.13 -28.52 15.47
N MET B 1 -0.72 36.43 5.82
CA MET B 1 -1.33 35.14 5.38
C MET B 1 -2.78 35.34 4.97
N MET B 2 -3.21 34.65 3.92
CA MET B 2 -4.62 34.74 3.52
C MET B 2 -5.40 33.75 4.35
N ILE B 3 -6.71 33.96 4.42
CA ILE B 3 -7.61 33.06 5.15
C ILE B 3 -8.32 32.15 4.13
N VAL B 4 -8.37 30.86 4.44
CA VAL B 4 -9.05 29.86 3.62
C VAL B 4 -10.00 29.05 4.48
N GLN B 5 -10.90 28.31 3.84
CA GLN B 5 -11.88 27.50 4.54
C GLN B 5 -11.44 26.05 4.53
N ARG B 6 -11.75 25.35 5.63
CA ARG B 6 -11.52 23.90 5.71
C ARG B 6 -12.69 23.20 6.39
N VAL B 7 -12.73 21.89 6.22
CA VAL B 7 -13.71 21.06 6.86
C VAL B 7 -13.00 20.10 7.82
N VAL B 8 -13.50 20.02 9.05
CA VAL B 8 -12.97 19.12 10.06
C VAL B 8 -14.08 18.18 10.50
N LEU B 9 -13.68 17.05 11.10
CA LEU B 9 -14.68 16.11 11.65
C LEU B 9 -15.21 16.66 12.96
N ASN B 10 -16.52 16.92 12.98
CA ASN B 10 -17.19 17.49 14.13
C ASN B 10 -17.60 16.46 15.17
N SER B 11 -18.13 15.33 14.70
CA SER B 11 -18.63 14.28 15.58
C SER B 11 -18.71 12.98 14.81
N ARG B 12 -18.82 11.88 15.54
CA ARG B 12 -18.94 10.55 14.94
C ARG B 12 -20.37 10.04 15.00
N PRO B 13 -20.82 9.34 13.94
CA PRO B 13 -22.21 8.87 13.95
C PRO B 13 -22.44 7.62 14.80
N GLY B 14 -21.39 6.95 15.24
CA GLY B 14 -21.49 5.65 15.90
C GLY B 14 -21.38 4.54 14.86
N LYS B 15 -20.88 3.39 15.28
CA LYS B 15 -20.68 2.27 14.34
C LYS B 15 -21.97 1.85 13.63
N ASN B 16 -23.10 1.96 14.34
CA ASN B 16 -24.40 1.60 13.76
C ASN B 16 -25.23 2.80 13.30
N GLY B 17 -24.62 3.98 13.26
CA GLY B 17 -25.33 5.22 12.93
C GLY B 17 -25.30 5.62 11.46
N ASN B 18 -26.20 6.54 11.12
CA ASN B 18 -26.26 7.15 9.80
C ASN B 18 -25.43 8.44 9.80
N PRO B 19 -24.61 8.64 8.76
CA PRO B 19 -23.82 9.85 8.71
C PRO B 19 -24.69 11.01 8.30
N VAL B 20 -24.42 12.18 8.88
CA VAL B 20 -25.19 13.40 8.64
C VAL B 20 -24.26 14.58 8.40
N ALA B 21 -24.79 15.63 7.79
CA ALA B 21 -23.99 16.81 7.48
C ALA B 21 -23.32 17.39 8.73
N GLU B 22 -24.01 17.27 9.86
CA GLU B 22 -23.54 17.83 11.13
C GLU B 22 -22.37 17.04 11.74
N ASN B 23 -22.01 15.90 11.16
CA ASN B 23 -20.78 15.23 11.57
C ASN B 23 -19.52 15.98 11.10
N PHE B 24 -19.71 16.97 10.22
CA PHE B 24 -18.62 17.80 9.71
C PHE B 24 -18.86 19.25 10.08
N ARG B 25 -17.77 20.01 10.19
CA ARG B 25 -17.84 21.40 10.59
C ARG B 25 -16.88 22.23 9.74
N MET B 26 -17.35 23.39 9.30
CA MET B 26 -16.54 24.37 8.55
CA MET B 26 -16.46 24.27 8.55
C MET B 26 -15.72 25.26 9.47
N GLU B 27 -14.46 25.51 9.14
CA GLU B 27 -13.62 26.43 9.91
C GLU B 27 -12.86 27.28 8.93
N GLU B 28 -12.34 28.40 9.41
CA GLU B 28 -11.40 29.17 8.63
C GLU B 28 -10.02 29.09 9.29
N VAL B 29 -9.01 28.93 8.44
CA VAL B 29 -7.63 28.86 8.88
C VAL B 29 -6.75 29.76 8.01
N TYR B 30 -5.60 30.14 8.56
CA TYR B 30 -4.60 30.90 7.81
C TYR B 30 -3.83 29.95 6.91
N LEU B 31 -3.52 30.41 5.70
CA LEU B 31 -2.64 29.69 4.79
C LEU B 31 -1.28 30.38 4.87
N PRO B 32 -0.22 29.63 5.21
CA PRO B 32 1.13 30.22 5.26
C PRO B 32 1.56 30.91 3.97
N ASP B 33 2.35 31.97 4.11
CA ASP B 33 2.75 32.78 2.95
C ASP B 33 3.94 32.24 2.20
N ASN B 34 4.65 31.27 2.77
CA ASN B 34 5.75 30.65 2.05
C ASN B 34 5.63 29.12 2.03
N ILE B 35 6.23 28.50 1.03
CA ILE B 35 6.33 27.06 0.95
C ILE B 35 7.81 26.67 0.96
N ASN B 36 8.09 25.43 1.36
CA ASN B 36 9.46 24.92 1.46
C ASN B 36 9.82 24.11 0.22
N GLU B 37 11.11 23.82 0.06
CA GLU B 37 11.61 23.00 -1.05
C GLU B 37 10.83 21.68 -1.11
N GLY B 38 10.41 21.29 -2.31
CA GLY B 38 9.64 20.06 -2.49
C GLY B 38 8.12 20.24 -2.36
N GLN B 39 7.68 21.39 -1.86
CA GLN B 39 6.26 21.61 -1.67
C GLN B 39 5.66 22.39 -2.84
N VAL B 40 4.33 22.36 -2.90
CA VAL B 40 3.57 23.15 -3.84
C VAL B 40 2.37 23.76 -3.12
N GLN B 41 1.96 24.94 -3.56
CA GLN B 41 0.71 25.50 -3.11
C GLN B 41 -0.32 25.31 -4.20
N VAL B 42 -1.45 24.72 -3.84
CA VAL B 42 -2.46 24.29 -4.80
C VAL B 42 -3.83 24.90 -4.49
N ARG B 43 -4.58 25.25 -5.53
CA ARG B 43 -5.96 25.68 -5.38
C ARG B 43 -6.87 24.50 -5.67
N THR B 44 -7.66 24.09 -4.67
CA THR B 44 -8.57 22.96 -4.78
C THR B 44 -9.72 23.28 -5.76
N LEU B 45 -9.94 22.41 -6.75
CA LEU B 45 -10.99 22.63 -7.76
C LEU B 45 -12.20 21.76 -7.51
N TYR B 46 -11.97 20.45 -7.36
CA TYR B 46 -13.04 19.50 -7.02
C TYR B 46 -12.60 18.54 -5.94
N LEU B 47 -13.56 18.13 -5.12
CA LEU B 47 -13.35 17.05 -4.17
C LEU B 47 -14.40 15.98 -4.33
N SER B 48 -13.97 14.75 -4.05
CA SER B 48 -14.82 13.57 -4.10
C SER B 48 -15.47 13.28 -2.74
N VAL B 49 -16.65 12.67 -2.78
CA VAL B 49 -17.13 11.93 -1.62
C VAL B 49 -17.37 10.49 -2.05
N ASP B 50 -17.08 9.55 -1.18
CA ASP B 50 -17.05 8.13 -1.53
C ASP B 50 -17.52 7.24 -0.38
N PRO B 51 -18.18 6.12 -0.72
CA PRO B 51 -18.68 5.24 0.31
C PRO B 51 -17.64 4.75 1.31
N TYR B 52 -16.39 4.52 0.89
CA TYR B 52 -15.35 4.04 1.84
C TYR B 52 -15.12 5.03 2.97
N MET B 53 -15.48 6.30 2.76
CA MET B 53 -15.32 7.32 3.79
C MET B 53 -16.16 7.07 5.02
N ARG B 54 -17.24 6.31 4.88
CA ARG B 54 -18.06 6.01 6.04
C ARG B 54 -17.23 5.35 7.16
N CYS B 55 -16.37 4.41 6.82
CA CYS B 55 -15.59 3.78 7.87
C CYS B 55 -14.58 4.72 8.52
N ARG B 56 -14.18 5.78 7.81
CA ARG B 56 -13.22 6.74 8.35
C ARG B 56 -13.86 7.63 9.43
N MET B 57 -15.19 7.59 9.52
CA MET B 57 -15.92 8.35 10.56
C MET B 57 -16.00 7.59 11.89
N ASN B 58 -15.71 6.30 11.86
CA ASN B 58 -15.62 5.48 13.07
C ASN B 58 -14.24 5.58 13.72
N GLU B 59 -14.19 5.29 15.01
CA GLU B 59 -12.92 5.32 15.75
C GLU B 59 -11.93 4.30 15.22
N ASP B 60 -12.46 3.15 14.80
CA ASP B 60 -11.68 2.07 14.20
C ASP B 60 -12.24 1.77 12.80
N THR B 61 -11.37 1.86 11.80
CA THR B 61 -11.80 1.67 10.40
C THR B 61 -11.90 0.20 9.98
N GLY B 62 -11.29 -0.69 10.76
CA GLY B 62 -11.22 -2.11 10.40
C GLY B 62 -9.99 -2.52 9.59
N THR B 63 -9.18 -1.56 9.18
CA THR B 63 -7.95 -1.87 8.45
C THR B 63 -6.85 -0.84 8.69
N ASP B 64 -5.62 -1.33 8.76
CA ASP B 64 -4.45 -0.47 8.90
C ASP B 64 -4.20 0.43 7.67
N TYR B 65 -4.81 0.11 6.53
CA TYR B 65 -4.60 0.91 5.31
C TYR B 65 -5.51 2.09 5.16
N ILE B 66 -6.46 2.22 6.09
CA ILE B 66 -7.37 3.36 6.12
C ILE B 66 -7.34 3.88 7.53
N THR B 67 -6.94 5.12 7.67
CA THR B 67 -6.85 5.66 8.99
C THR B 67 -8.14 6.43 9.31
N PRO B 68 -8.59 6.34 10.56
CA PRO B 68 -9.77 7.09 10.95
C PRO B 68 -9.53 8.58 10.90
N TRP B 69 -10.54 9.31 10.45
CA TRP B 69 -10.53 10.72 10.64
C TRP B 69 -10.58 11.05 12.12
N GLN B 70 -9.88 12.12 12.49
CA GLN B 70 -9.78 12.53 13.88
C GLN B 70 -10.63 13.76 14.14
N LEU B 71 -11.25 13.78 15.32
CA LEU B 71 -12.16 14.87 15.67
C LEU B 71 -11.41 16.22 15.65
N SER B 72 -12.05 17.23 15.07
CA SER B 72 -11.48 18.58 14.98
C SER B 72 -10.22 18.74 14.12
N GLN B 73 -9.87 17.68 13.37
CA GLN B 73 -8.77 17.75 12.40
CA GLN B 73 -8.76 17.73 12.40
C GLN B 73 -9.34 17.75 11.00
N VAL B 74 -8.58 18.32 10.05
CA VAL B 74 -9.04 18.44 8.65
C VAL B 74 -9.30 17.04 8.08
N VAL B 75 -10.40 16.93 7.34
CA VAL B 75 -10.78 15.72 6.62
C VAL B 75 -10.01 15.68 5.31
N ASP B 76 -9.92 14.51 4.68
CA ASP B 76 -9.23 14.37 3.39
C ASP B 76 -9.84 13.24 2.55
N GLY B 77 -9.59 13.30 1.25
CA GLY B 77 -10.07 12.31 0.27
C GLY B 77 -9.61 12.68 -1.11
N GLY B 78 -10.19 12.03 -2.13
CA GLY B 78 -9.81 12.30 -3.50
C GLY B 78 -10.05 13.74 -3.89
N GLY B 79 -9.07 14.32 -4.58
CA GLY B 79 -9.21 15.67 -5.05
C GLY B 79 -8.38 15.99 -6.24
N ILE B 80 -8.74 17.10 -6.89
CA ILE B 80 -8.01 17.63 -8.01
C ILE B 80 -7.94 19.14 -7.89
N GLY B 81 -6.80 19.69 -8.31
CA GLY B 81 -6.56 21.10 -8.17
C GLY B 81 -5.54 21.60 -9.15
N ILE B 82 -5.25 22.89 -9.05
CA ILE B 82 -4.31 23.57 -9.93
C ILE B 82 -3.20 24.22 -9.13
N ILE B 83 -1.96 23.98 -9.55
CA ILE B 83 -0.79 24.49 -8.85
C ILE B 83 -0.71 26.00 -8.99
N GLU B 84 -0.53 26.69 -7.85
CA GLU B 84 -0.39 28.14 -7.84
C GLU B 84 1.08 28.53 -7.67
N GLU B 85 1.84 27.73 -6.92
CA GLU B 85 3.27 27.95 -6.77
C GLU B 85 3.96 26.63 -6.50
N SER B 86 5.18 26.48 -7.01
CA SER B 86 5.91 25.23 -6.87
C SER B 86 7.37 25.46 -6.52
N LYS B 87 7.86 24.71 -5.55
CA LYS B 87 9.29 24.50 -5.35
C LYS B 87 9.62 23.01 -5.49
N HIS B 88 8.87 22.31 -6.34
CA HIS B 88 9.12 20.90 -6.66
C HIS B 88 9.58 20.85 -8.12
N THR B 89 10.60 20.06 -8.40
CA THR B 89 11.25 20.13 -9.72
C THR B 89 10.36 19.59 -10.86
N ASN B 90 9.43 18.70 -10.54
CA ASN B 90 8.55 18.09 -11.56
C ASN B 90 7.17 18.75 -11.68
N LEU B 91 6.94 19.82 -10.91
CA LEU B 91 5.64 20.51 -10.95
C LEU B 91 5.83 21.99 -11.14
N THR B 92 4.93 22.60 -11.89
CA THR B 92 5.00 24.03 -12.11
C THR B 92 3.62 24.65 -12.11
N LYS B 93 3.59 25.96 -11.85
CA LYS B 93 2.37 26.74 -11.83
C LYS B 93 1.51 26.47 -13.05
N GLY B 94 0.25 26.17 -12.80
CA GLY B 94 -0.70 25.86 -13.88
C GLY B 94 -0.95 24.40 -14.14
N ASP B 95 -0.10 23.50 -13.62
CA ASP B 95 -0.31 22.06 -13.74
C ASP B 95 -1.53 21.65 -12.93
N PHE B 96 -2.27 20.68 -13.47
CA PHE B 96 -3.35 20.06 -12.74
C PHE B 96 -2.83 18.81 -12.06
N VAL B 97 -3.22 18.62 -10.82
CA VAL B 97 -2.72 17.50 -10.02
C VAL B 97 -3.82 16.88 -9.19
N THR B 98 -3.63 15.61 -8.82
CA THR B 98 -4.58 14.87 -8.02
C THR B 98 -3.87 14.23 -6.82
N SER B 99 -4.66 13.88 -5.83
CA SER B 99 -4.22 13.08 -4.70
C SER B 99 -5.43 12.35 -4.13
N PHE B 100 -5.21 11.16 -3.56
CA PHE B 100 -6.24 10.41 -2.79
C PHE B 100 -6.39 10.97 -1.39
N TYR B 101 -5.45 11.82 -0.98
CA TYR B 101 -5.41 12.37 0.36
C TYR B 101 -5.41 13.90 0.35
N TRP B 102 -6.35 14.46 -0.40
CA TRP B 102 -6.43 15.89 -0.58
C TRP B 102 -7.18 16.45 0.61
N PRO B 103 -6.57 17.39 1.35
CA PRO B 103 -7.28 17.96 2.49
C PRO B 103 -8.51 18.74 2.06
N TRP B 104 -9.59 18.67 2.83
CA TRP B 104 -10.83 19.35 2.49
C TRP B 104 -10.68 20.82 2.88
N GLN B 105 -10.02 21.56 2.00
CA GLN B 105 -9.60 22.93 2.24
C GLN B 105 -9.43 23.63 0.89
N THR B 106 -9.75 24.92 0.81
CA THR B 106 -9.85 25.60 -0.48
C THR B 106 -8.51 25.80 -1.18
N LYS B 107 -7.49 26.10 -0.39
CA LYS B 107 -6.10 26.15 -0.87
C LYS B 107 -5.23 25.42 0.14
N VAL B 108 -4.26 24.69 -0.38
CA VAL B 108 -3.47 23.77 0.41
C VAL B 108 -2.00 23.81 0.04
N ILE B 109 -1.15 23.48 1.01
CA ILE B 109 0.27 23.29 0.80
C ILE B 109 0.55 21.81 0.97
N LEU B 110 1.10 21.20 -0.10
CA LEU B 110 1.29 19.74 -0.13
C LEU B 110 2.70 19.40 -0.60
N ASP B 111 3.15 18.20 -0.21
CA ASP B 111 4.39 17.63 -0.71
C ASP B 111 4.17 17.26 -2.18
N GLY B 112 4.98 17.85 -3.05
CA GLY B 112 4.85 17.59 -4.49
C GLY B 112 5.02 16.13 -4.87
N ASN B 113 5.81 15.40 -4.07
CA ASN B 113 6.00 13.97 -4.30
C ASN B 113 4.73 13.16 -4.10
N SER B 114 3.75 13.72 -3.38
CA SER B 114 2.49 13.00 -3.10
C SER B 114 1.39 13.17 -4.18
N LEU B 115 1.68 13.96 -5.21
CA LEU B 115 0.69 14.33 -6.22
C LEU B 115 1.00 13.66 -7.53
N GLU B 116 -0.05 13.47 -8.34
CA GLU B 116 0.08 13.03 -9.72
C GLU B 116 -0.36 14.16 -10.63
N LYS B 117 0.49 14.52 -11.59
CA LYS B 117 0.11 15.47 -12.61
C LYS B 117 -0.81 14.76 -13.59
N VAL B 118 -1.91 15.40 -13.98
CA VAL B 118 -2.88 14.80 -14.91
C VAL B 118 -3.02 15.67 -16.17
N ASP B 119 -3.42 15.04 -17.27
CA ASP B 119 -3.53 15.70 -18.57
C ASP B 119 -5.00 15.99 -18.85
N PRO B 120 -5.39 17.29 -18.84
CA PRO B 120 -6.80 17.61 -19.05
C PRO B 120 -7.37 17.17 -20.40
N GLN B 121 -6.52 16.95 -21.40
CA GLN B 121 -6.96 16.47 -22.71
C GLN B 121 -7.68 15.12 -22.60
N LEU B 122 -7.27 14.29 -21.64
CA LEU B 122 -7.92 12.98 -21.44
C LEU B 122 -9.40 13.06 -21.07
N VAL B 123 -9.81 14.18 -20.49
CA VAL B 123 -11.18 14.38 -20.03
C VAL B 123 -11.83 15.54 -20.80
N ASP B 124 -11.24 15.95 -21.92
CA ASP B 124 -11.75 17.12 -22.67
C ASP B 124 -11.93 18.34 -21.76
N GLY B 125 -11.00 18.53 -20.84
CA GLY B 125 -11.06 19.62 -19.88
C GLY B 125 -12.04 19.49 -18.73
N HIS B 126 -12.87 18.43 -18.73
CA HIS B 126 -13.82 18.19 -17.67
CA HIS B 126 -13.83 18.17 -17.65
C HIS B 126 -13.11 17.54 -16.47
N LEU B 127 -12.42 18.37 -15.69
CA LEU B 127 -11.53 17.87 -14.63
C LEU B 127 -12.17 16.97 -13.60
N SER B 128 -13.45 17.19 -13.32
CA SER B 128 -14.13 16.38 -12.32
C SER B 128 -14.23 14.92 -12.72
N TYR B 129 -14.07 14.62 -14.02
CA TYR B 129 -14.11 13.24 -14.47
C TYR B 129 -12.93 12.44 -13.93
N PHE B 130 -11.85 13.11 -13.56
CA PHE B 130 -10.71 12.42 -12.95
C PHE B 130 -11.03 11.88 -11.55
N LEU B 131 -12.19 12.24 -10.99
CA LEU B 131 -12.60 11.70 -9.70
C LEU B 131 -13.69 10.65 -9.85
N GLY B 132 -14.08 10.35 -11.09
CA GLY B 132 -15.18 9.43 -11.38
C GLY B 132 -14.87 8.44 -12.48
N ALA B 133 -15.53 8.61 -13.62
CA ALA B 133 -15.46 7.64 -14.72
C ALA B 133 -14.08 7.54 -15.35
N ILE B 134 -13.31 8.62 -15.32
CA ILE B 134 -11.91 8.58 -15.78
C ILE B 134 -11.03 8.78 -14.54
N GLY B 135 -11.39 8.05 -13.50
CA GLY B 135 -10.74 8.13 -12.19
C GLY B 135 -10.90 6.81 -11.46
N MET B 136 -10.84 6.85 -10.13
CA MET B 136 -10.84 5.61 -9.38
C MET B 136 -12.11 4.78 -9.57
N PRO B 137 -13.30 5.41 -9.58
CA PRO B 137 -14.47 4.55 -9.79
C PRO B 137 -14.49 3.86 -11.15
N GLY B 138 -14.13 4.57 -12.20
CA GLY B 138 -14.03 4.01 -13.54
C GLY B 138 -13.01 2.89 -13.62
N LEU B 139 -11.88 3.11 -12.97
CA LEU B 139 -10.83 2.09 -12.91
C LEU B 139 -11.31 0.85 -12.19
N THR B 140 -12.01 1.09 -11.09
CA THR B 140 -12.53 -0.03 -10.31
C THR B 140 -13.44 -0.90 -11.18
N SER B 141 -14.32 -0.26 -11.92
CA SER B 141 -15.24 -0.99 -12.79
C SER B 141 -14.53 -1.75 -13.93
N LEU B 142 -13.59 -1.09 -14.59
CA LEU B 142 -12.90 -1.70 -15.74
C LEU B 142 -11.99 -2.84 -15.27
N ILE B 143 -11.19 -2.57 -14.26
CA ILE B 143 -10.22 -3.56 -13.75
C ILE B 143 -10.96 -4.68 -13.07
N GLY B 144 -12.03 -4.36 -12.33
CA GLY B 144 -12.85 -5.39 -11.70
C GLY B 144 -13.44 -6.35 -12.72
N ILE B 145 -13.97 -5.79 -13.81
CA ILE B 145 -14.52 -6.64 -14.84
C ILE B 145 -13.42 -7.45 -15.54
N GLN B 146 -12.29 -6.82 -15.86
CA GLN B 146 -11.16 -7.51 -16.46
C GLN B 146 -10.63 -8.63 -15.59
N GLU B 147 -10.46 -8.36 -14.31
CA GLU B 147 -9.76 -9.29 -13.42
C GLU B 147 -10.67 -10.37 -12.82
N LYS B 148 -11.93 -10.03 -12.59
CA LYS B 148 -12.83 -10.90 -11.81
C LYS B 148 -14.09 -11.31 -12.58
N GLY B 149 -14.33 -10.70 -13.73
CA GLY B 149 -15.58 -10.88 -14.46
C GLY B 149 -15.65 -12.08 -15.39
N HIS B 150 -14.47 -12.49 -15.89
CA HIS B 150 -14.35 -13.61 -16.82
C HIS B 150 -15.29 -13.49 -18.03
N ILE B 151 -15.37 -12.30 -18.64
CA ILE B 151 -16.20 -12.08 -19.82
C ILE B 151 -15.35 -12.28 -21.08
N THR B 152 -15.95 -12.84 -22.12
CA THR B 152 -15.29 -13.02 -23.43
C THR B 152 -16.14 -12.37 -24.50
N ALA B 153 -15.49 -11.75 -25.49
CA ALA B 153 -16.18 -11.40 -26.72
C ALA B 153 -16.49 -12.73 -27.39
N GLY B 154 -17.77 -13.03 -27.58
CA GLY B 154 -18.20 -14.32 -28.14
C GLY B 154 -19.13 -15.09 -27.21
N SER B 155 -18.86 -15.02 -25.91
CA SER B 155 -19.80 -15.49 -24.91
C SER B 155 -20.99 -14.54 -24.96
N ASN B 156 -22.18 -15.02 -24.60
CA ASN B 156 -23.36 -14.19 -24.65
C ASN B 156 -23.92 -14.09 -23.23
N LYS B 157 -23.09 -13.52 -22.36
CA LYS B 157 -23.36 -13.51 -20.93
C LYS B 157 -24.33 -12.42 -20.50
N THR B 158 -24.95 -12.66 -19.35
CA THR B 158 -25.83 -11.71 -18.71
C THR B 158 -25.14 -11.16 -17.47
N MET B 159 -25.03 -9.84 -17.41
CA MET B 159 -24.50 -9.14 -16.24
C MET B 159 -25.61 -8.44 -15.50
N VAL B 160 -25.56 -8.53 -14.18
CA VAL B 160 -26.37 -7.68 -13.30
C VAL B 160 -25.41 -6.77 -12.54
N VAL B 161 -25.79 -5.51 -12.42
CA VAL B 161 -25.04 -4.52 -11.67
C VAL B 161 -25.93 -3.98 -10.55
N SER B 162 -25.46 -4.05 -9.30
CA SER B 162 -26.15 -3.35 -8.19
C SER B 162 -25.47 -1.99 -8.02
N GLY B 163 -26.10 -1.08 -7.28
CA GLY B 163 -25.65 0.31 -7.28
C GLY B 163 -25.50 0.87 -8.69
N ALA B 164 -26.44 0.50 -9.57
CA ALA B 164 -26.24 0.63 -11.02
C ALA B 164 -26.17 2.06 -11.54
N ALA B 165 -26.76 3.02 -10.82
CA ALA B 165 -26.76 4.43 -11.22
C ALA B 165 -25.75 5.27 -10.47
N GLY B 166 -24.85 4.61 -9.74
CA GLY B 166 -23.77 5.30 -9.07
C GLY B 166 -22.53 5.40 -9.94
N ALA B 167 -21.44 5.89 -9.34
CA ALA B 167 -20.18 6.11 -10.08
C ALA B 167 -19.62 4.83 -10.70
N CYS B 168 -19.38 3.83 -9.87
CA CYS B 168 -18.88 2.55 -10.37
C CYS B 168 -19.91 1.83 -11.23
N GLY B 169 -21.13 1.74 -10.73
CA GLY B 169 -22.14 0.93 -11.40
C GLY B 169 -22.51 1.43 -12.79
N SER B 170 -22.60 2.75 -12.94
CA SER B 170 -23.04 3.33 -14.21
C SER B 170 -22.00 3.04 -15.29
N VAL B 171 -20.73 3.01 -14.88
CA VAL B 171 -19.65 2.67 -15.77
C VAL B 171 -19.58 1.16 -16.00
N ALA B 172 -19.70 0.35 -14.94
CA ALA B 172 -19.61 -1.09 -15.05
C ALA B 172 -20.56 -1.65 -16.09
N GLY B 173 -21.81 -1.19 -16.06
CA GLY B 173 -22.85 -1.76 -16.94
C GLY B 173 -22.57 -1.46 -18.39
N GLN B 174 -22.01 -0.28 -18.65
CA GLN B 174 -21.62 0.08 -20.01
C GLN B 174 -20.45 -0.76 -20.49
N ILE B 175 -19.45 -0.92 -19.62
CA ILE B 175 -18.27 -1.74 -19.95
C ILE B 175 -18.68 -3.20 -20.19
N GLY B 176 -19.64 -3.70 -19.43
CA GLY B 176 -20.14 -5.06 -19.66
C GLY B 176 -20.62 -5.26 -21.09
N HIS B 177 -21.34 -4.28 -21.61
CA HIS B 177 -21.72 -4.27 -23.01
C HIS B 177 -20.52 -4.11 -23.96
N PHE B 178 -19.61 -3.20 -23.66
CA PHE B 178 -18.41 -3.04 -24.52
C PHE B 178 -17.65 -4.35 -24.66
N LEU B 179 -17.55 -5.13 -23.58
CA LEU B 179 -16.63 -6.26 -23.53
C LEU B 179 -17.29 -7.60 -23.78
N GLY B 180 -18.54 -7.58 -24.26
CA GLY B 180 -19.17 -8.80 -24.78
C GLY B 180 -20.41 -9.37 -24.10
N CYS B 181 -20.89 -8.77 -23.01
CA CYS B 181 -22.18 -9.22 -22.44
C CYS B 181 -23.29 -8.93 -23.42
N SER B 182 -24.20 -9.86 -23.61
CA SER B 182 -25.36 -9.62 -24.47
C SER B 182 -26.46 -8.91 -23.70
N ARG B 183 -26.49 -9.08 -22.38
CA ARG B 183 -27.52 -8.48 -21.56
C ARG B 183 -26.91 -7.84 -20.31
N VAL B 184 -27.34 -6.63 -20.00
CA VAL B 184 -26.90 -5.92 -18.81
C VAL B 184 -28.15 -5.35 -18.13
N VAL B 185 -28.34 -5.74 -16.88
CA VAL B 185 -29.50 -5.34 -16.08
C VAL B 185 -29.04 -4.66 -14.81
N GLY B 186 -29.66 -3.55 -14.49
CA GLY B 186 -29.24 -2.70 -13.38
C GLY B 186 -30.25 -2.73 -12.25
N ILE B 187 -29.73 -2.75 -11.02
CA ILE B 187 -30.59 -2.58 -9.85
C ILE B 187 -30.21 -1.27 -9.17
N CYS B 188 -31.20 -0.41 -8.95
CA CYS B 188 -30.94 0.88 -8.31
C CYS B 188 -32.16 1.32 -7.48
N GLY B 189 -32.03 2.47 -6.83
CA GLY B 189 -32.98 2.87 -5.77
C GLY B 189 -34.14 3.78 -6.15
N THR B 190 -34.18 4.26 -7.39
CA THR B 190 -35.25 5.15 -7.85
C THR B 190 -35.68 4.83 -9.29
N HIS B 191 -36.93 5.16 -9.64
CA HIS B 191 -37.36 5.00 -11.03
C HIS B 191 -36.65 5.99 -11.96
N GLU B 192 -36.35 7.18 -11.46
CA GLU B 192 -35.56 8.14 -12.23
C GLU B 192 -34.24 7.52 -12.69
N LYS B 193 -33.58 6.81 -11.77
CA LYS B 193 -32.34 6.12 -12.07
C LYS B 193 -32.54 4.98 -13.06
N CYS B 194 -33.64 4.23 -12.90
CA CYS B 194 -33.95 3.18 -13.86
C CYS B 194 -34.06 3.71 -15.30
N ILE B 195 -34.73 4.84 -15.46
CA ILE B 195 -34.87 5.48 -16.78
C ILE B 195 -33.55 5.89 -17.37
N LEU B 196 -32.69 6.47 -16.53
CA LEU B 196 -31.35 6.84 -16.95
C LEU B 196 -30.62 5.64 -17.50
N LEU B 197 -30.65 4.53 -16.76
CA LEU B 197 -29.90 3.34 -17.13
C LEU B 197 -30.32 2.84 -18.51
N THR B 198 -31.62 2.76 -18.75
CA THR B 198 -32.12 2.17 -19.98
C THR B 198 -32.18 3.17 -21.12
N SER B 199 -32.48 4.42 -20.83
CA SER B 199 -32.63 5.41 -21.91
C SER B 199 -31.34 6.08 -22.34
N GLU B 200 -30.36 6.19 -21.44
CA GLU B 200 -29.09 6.87 -21.74
C GLU B 200 -27.85 5.98 -21.71
N LEU B 201 -27.82 4.96 -20.85
CA LEU B 201 -26.59 4.19 -20.63
C LEU B 201 -26.63 2.79 -21.24
N GLY B 202 -27.67 2.50 -21.99
CA GLY B 202 -27.71 1.28 -22.78
C GLY B 202 -27.98 0.00 -22.00
N PHE B 203 -28.35 0.10 -20.72
CA PHE B 203 -28.75 -1.09 -19.97
C PHE B 203 -29.99 -1.66 -20.63
N ASP B 204 -30.11 -2.98 -20.63
CA ASP B 204 -31.26 -3.65 -21.23
C ASP B 204 -32.49 -3.59 -20.35
N ALA B 205 -32.28 -3.60 -19.03
CA ALA B 205 -33.37 -3.45 -18.08
C ALA B 205 -32.85 -2.81 -16.80
N ALA B 206 -33.77 -2.26 -16.03
CA ALA B 206 -33.47 -1.66 -14.75
C ALA B 206 -34.56 -2.04 -13.74
N ILE B 207 -34.16 -2.19 -12.49
CA ILE B 207 -35.04 -2.63 -11.42
C ILE B 207 -34.85 -1.71 -10.22
N ASN B 208 -35.96 -1.20 -9.69
CA ASN B 208 -35.97 -0.35 -8.52
C ASN B 208 -36.16 -1.23 -7.30
N TYR B 209 -35.10 -1.41 -6.52
CA TYR B 209 -35.16 -2.37 -5.39
C TYR B 209 -36.06 -1.89 -4.26
N LYS B 210 -36.39 -0.60 -4.22
CA LYS B 210 -37.30 -0.10 -3.18
C LYS B 210 -38.76 -0.40 -3.47
N LYS B 211 -39.12 -0.42 -4.75
CA LYS B 211 -40.52 -0.44 -5.18
C LYS B 211 -40.90 -1.62 -6.05
N ASP B 212 -39.92 -2.30 -6.65
CA ASP B 212 -40.20 -3.44 -7.54
C ASP B 212 -40.00 -4.76 -6.78
N ASN B 213 -40.60 -5.83 -7.28
CA ASN B 213 -40.30 -7.18 -6.79
C ASN B 213 -39.02 -7.63 -7.50
N VAL B 214 -37.90 -7.57 -6.79
CA VAL B 214 -36.59 -7.75 -7.43
C VAL B 214 -36.44 -9.15 -8.02
N ALA B 215 -36.81 -10.17 -7.24
CA ALA B 215 -36.72 -11.56 -7.70
C ALA B 215 -37.47 -11.77 -9.01
N GLU B 216 -38.72 -11.33 -9.08
CA GLU B 216 -39.51 -11.62 -10.28
C GLU B 216 -39.07 -10.75 -11.46
N GLN B 217 -38.64 -9.52 -11.20
CA GLN B 217 -38.11 -8.70 -12.29
C GLN B 217 -36.81 -9.26 -12.86
N LEU B 218 -35.98 -9.85 -12.01
CA LEU B 218 -34.78 -10.52 -12.49
C LEU B 218 -35.13 -11.74 -13.32
N ARG B 219 -36.13 -12.50 -12.90
CA ARG B 219 -36.56 -13.64 -13.71
C ARG B 219 -37.03 -13.22 -15.11
N GLU B 220 -37.72 -12.08 -15.21
CA GLU B 220 -38.18 -11.57 -16.51
C GLU B 220 -37.06 -10.98 -17.34
N SER B 221 -36.18 -10.20 -16.71
CA SER B 221 -35.16 -9.48 -17.45
C SER B 221 -33.88 -10.28 -17.66
N CYS B 222 -33.70 -11.36 -16.89
CA CYS B 222 -32.54 -12.24 -17.03
C CYS B 222 -33.05 -13.68 -17.24
N PRO B 223 -33.71 -13.93 -18.37
CA PRO B 223 -34.34 -15.25 -18.59
C PRO B 223 -33.36 -16.41 -18.71
N ALA B 224 -32.09 -16.13 -18.99
CA ALA B 224 -31.05 -17.17 -19.07
C ALA B 224 -30.15 -17.20 -17.81
N GLY B 225 -30.61 -16.60 -16.73
CA GLY B 225 -29.82 -16.56 -15.49
C GLY B 225 -28.76 -15.46 -15.53
N VAL B 226 -27.98 -15.37 -14.46
CA VAL B 226 -26.99 -14.31 -14.32
C VAL B 226 -25.59 -14.92 -14.32
N ASP B 227 -24.74 -14.44 -15.24
CA ASP B 227 -23.38 -14.95 -15.36
C ASP B 227 -22.34 -14.12 -14.64
N VAL B 228 -22.59 -12.83 -14.52
CA VAL B 228 -21.67 -11.92 -13.85
C VAL B 228 -22.48 -10.95 -13.02
N TYR B 229 -22.12 -10.81 -11.75
CA TYR B 229 -22.78 -9.86 -10.86
C TYR B 229 -21.75 -8.85 -10.37
N PHE B 230 -21.88 -7.61 -10.85
CA PHE B 230 -21.06 -6.52 -10.35
C PHE B 230 -21.73 -5.98 -9.10
N ASP B 231 -21.22 -6.35 -7.93
CA ASP B 231 -21.88 -6.10 -6.65
C ASP B 231 -21.26 -4.90 -5.93
N ASN B 232 -22.04 -3.84 -5.80
CA ASN B 232 -21.69 -2.62 -5.09
C ASN B 232 -22.37 -2.55 -3.72
N VAL B 233 -23.37 -3.40 -3.48
CA VAL B 233 -24.32 -3.14 -2.38
C VAL B 233 -24.41 -4.20 -1.28
N GLY B 234 -24.31 -5.47 -1.66
CA GLY B 234 -24.43 -6.56 -0.70
C GLY B 234 -25.85 -6.69 -0.15
N GLY B 235 -25.95 -7.29 1.03
CA GLY B 235 -27.23 -7.41 1.71
C GLY B 235 -28.28 -8.27 0.98
N ASN B 236 -29.54 -7.96 1.22
CA ASN B 236 -30.65 -8.72 0.65
CA ASN B 236 -30.65 -8.72 0.64
C ASN B 236 -30.68 -8.67 -0.88
N ILE B 237 -30.28 -7.53 -1.46
CA ILE B 237 -30.25 -7.40 -2.91
C ILE B 237 -29.31 -8.43 -3.52
N SER B 238 -28.13 -8.57 -2.94
CA SER B 238 -27.15 -9.54 -3.45
C SER B 238 -27.65 -10.98 -3.25
N ASP B 239 -28.28 -11.25 -2.12
CA ASP B 239 -28.90 -12.58 -1.88
C ASP B 239 -29.88 -12.95 -3.01
N THR B 240 -30.72 -11.99 -3.41
CA THR B 240 -31.68 -12.21 -4.47
C THR B 240 -30.98 -12.46 -5.82
N VAL B 241 -29.95 -11.67 -6.14
CA VAL B 241 -29.22 -11.86 -7.40
C VAL B 241 -28.49 -13.21 -7.39
N ILE B 242 -27.79 -13.51 -6.32
CA ILE B 242 -27.01 -14.77 -6.25
C ILE B 242 -27.91 -15.98 -6.46
N SER B 243 -29.13 -15.90 -5.95
CA SER B 243 -30.08 -17.00 -6.09
C SER B 243 -30.45 -17.30 -7.55
N GLN B 244 -30.25 -16.33 -8.44
CA GLN B 244 -30.50 -16.54 -9.87
C GLN B 244 -29.23 -16.63 -10.73
N MET B 245 -28.08 -16.84 -10.08
CA MET B 245 -26.81 -16.92 -10.81
C MET B 245 -26.57 -18.32 -11.34
N ASN B 246 -25.88 -18.36 -12.47
CA ASN B 246 -25.61 -19.61 -13.22
C ASN B 246 -24.42 -20.38 -12.71
N GLU B 247 -24.33 -21.64 -13.11
CA GLU B 247 -23.17 -22.48 -12.77
C GLU B 247 -21.90 -21.78 -13.25
N ASN B 248 -20.85 -21.80 -12.44
CA ASN B 248 -19.55 -21.22 -12.81
C ASN B 248 -19.58 -19.72 -13.09
N SER B 249 -20.57 -19.03 -12.49
CA SER B 249 -20.67 -17.59 -12.64
C SER B 249 -19.71 -16.87 -11.68
N HIS B 250 -19.65 -15.54 -11.78
CA HIS B 250 -18.67 -14.74 -11.03
C HIS B 250 -19.29 -13.49 -10.42
N ILE B 251 -19.05 -13.32 -9.12
CA ILE B 251 -19.45 -12.13 -8.41
C ILE B 251 -18.22 -11.21 -8.35
N ILE B 252 -18.34 -10.03 -8.94
CA ILE B 252 -17.30 -9.01 -8.79
C ILE B 252 -17.65 -8.26 -7.49
N LEU B 253 -16.89 -8.57 -6.44
CA LEU B 253 -17.21 -8.12 -5.09
C LEU B 253 -16.55 -6.77 -4.90
N CYS B 254 -17.22 -5.75 -5.43
CA CYS B 254 -16.68 -4.40 -5.46
C CYS B 254 -16.87 -3.72 -4.10
N GLY B 255 -18.12 -3.63 -3.65
CA GLY B 255 -18.42 -3.10 -2.33
C GLY B 255 -19.71 -3.68 -1.76
N GLN B 256 -20.05 -3.28 -0.54
CA GLN B 256 -21.25 -3.79 0.15
C GLN B 256 -21.93 -2.65 0.91
N ILE B 257 -22.26 -1.58 0.20
CA ILE B 257 -22.69 -0.33 0.85
C ILE B 257 -23.90 -0.48 1.79
N SER B 258 -24.78 -1.46 1.55
CA SER B 258 -25.91 -1.71 2.44
C SER B 258 -25.47 -2.03 3.87
N GLN B 259 -24.21 -2.43 4.05
CA GLN B 259 -23.68 -2.80 5.36
C GLN B 259 -22.83 -1.72 6.06
N TYR B 260 -22.59 -0.57 5.41
CA TYR B 260 -21.54 0.33 5.88
C TYR B 260 -21.93 1.09 7.16
N ASN B 261 -23.23 1.24 7.41
CA ASN B 261 -23.75 1.91 8.61
C ASN B 261 -24.10 0.90 9.70
N LYS B 262 -23.50 -0.30 9.61
CA LYS B 262 -23.72 -1.36 10.60
C LYS B 262 -22.38 -1.75 11.19
N ASP B 263 -22.38 -2.20 12.44
CA ASP B 263 -21.17 -2.69 13.09
C ASP B 263 -20.89 -4.14 12.66
N VAL B 264 -20.48 -4.33 11.42
CA VAL B 264 -20.15 -5.67 10.92
C VAL B 264 -18.84 -5.60 10.13
N PRO B 265 -18.02 -6.65 10.21
CA PRO B 265 -16.74 -6.63 9.47
C PRO B 265 -16.89 -6.64 7.94
N TYR B 266 -15.86 -6.12 7.27
CA TYR B 266 -15.78 -6.14 5.81
C TYR B 266 -14.64 -7.09 5.40
N PRO B 267 -14.89 -7.98 4.42
CA PRO B 267 -16.16 -8.20 3.71
C PRO B 267 -17.13 -9.02 4.55
N PRO B 268 -18.44 -8.72 4.44
CA PRO B 268 -19.40 -9.52 5.18
C PRO B 268 -19.61 -10.89 4.55
N PRO B 269 -19.84 -11.94 5.37
CA PRO B 269 -20.06 -13.25 4.79
C PRO B 269 -21.47 -13.35 4.22
N LEU B 270 -21.69 -14.31 3.33
CA LEU B 270 -23.04 -14.61 2.85
C LEU B 270 -23.74 -15.44 3.92
N SER B 271 -25.05 -15.30 4.04
CA SER B 271 -25.85 -16.16 4.95
C SER B 271 -25.65 -17.65 4.61
N PRO B 272 -25.93 -18.56 5.56
CA PRO B 272 -25.70 -19.98 5.27
C PRO B 272 -26.42 -20.49 4.01
N ALA B 273 -27.67 -20.10 3.79
CA ALA B 273 -28.43 -20.51 2.60
C ALA B 273 -27.81 -20.00 1.30
N ILE B 274 -27.36 -18.76 1.32
CA ILE B 274 -26.85 -18.12 0.11
C ILE B 274 -25.44 -18.60 -0.18
N GLU B 275 -24.63 -18.76 0.86
CA GLU B 275 -23.32 -19.40 0.70
C GLU B 275 -23.45 -20.83 0.13
N ALA B 276 -24.47 -21.56 0.56
CA ALA B 276 -24.72 -22.90 0.04
C ALA B 276 -24.90 -22.85 -1.47
N ILE B 277 -25.76 -21.95 -1.93
CA ILE B 277 -26.01 -21.76 -3.36
C ILE B 277 -24.70 -21.40 -4.07
N GLN B 278 -23.93 -20.50 -3.49
CA GLN B 278 -22.64 -20.10 -4.06
C GLN B 278 -21.72 -21.31 -4.25
N LYS B 279 -21.59 -22.14 -3.21
CA LYS B 279 -20.72 -23.30 -3.28
C LYS B 279 -21.25 -24.35 -4.27
N GLU B 280 -22.55 -24.67 -4.21
CA GLU B 280 -23.14 -25.67 -5.10
C GLU B 280 -23.03 -25.31 -6.58
N ARG B 281 -23.16 -24.03 -6.90
CA ARG B 281 -23.12 -23.58 -8.28
C ARG B 281 -21.71 -23.20 -8.75
N ASN B 282 -20.72 -23.36 -7.88
CA ASN B 282 -19.34 -23.00 -8.15
C ASN B 282 -19.22 -21.54 -8.58
N ILE B 283 -19.83 -20.67 -7.79
CA ILE B 283 -19.79 -19.23 -8.04
C ILE B 283 -18.57 -18.67 -7.34
N THR B 284 -17.80 -17.86 -8.04
CA THR B 284 -16.60 -17.32 -7.45
C THR B 284 -16.94 -15.95 -6.85
N ARG B 285 -16.47 -15.70 -5.62
CA ARG B 285 -16.68 -14.43 -4.94
C ARG B 285 -15.42 -14.10 -4.17
N GLU B 286 -14.44 -13.53 -4.88
CA GLU B 286 -13.15 -13.14 -4.28
C GLU B 286 -13.14 -11.68 -3.92
N ARG B 287 -12.40 -11.29 -2.89
CA ARG B 287 -12.32 -9.87 -2.55
C ARG B 287 -11.63 -9.17 -3.72
N PHE B 288 -12.15 -8.03 -4.11
CA PHE B 288 -11.54 -7.27 -5.19
C PHE B 288 -11.22 -5.91 -4.62
N LEU B 289 -9.96 -5.51 -4.75
CA LEU B 289 -9.51 -4.20 -4.37
CA LEU B 289 -9.52 -4.18 -4.38
C LEU B 289 -8.77 -3.61 -5.57
N VAL B 290 -9.25 -2.48 -6.08
CA VAL B 290 -8.65 -1.89 -7.28
C VAL B 290 -7.18 -1.52 -7.04
N LEU B 291 -6.85 -1.16 -5.79
CA LEU B 291 -5.48 -0.78 -5.45
C LEU B 291 -4.48 -1.92 -5.55
N ASN B 292 -4.94 -3.16 -5.70
CA ASN B 292 -4.03 -4.28 -5.97
C ASN B 292 -3.59 -4.34 -7.44
N TYR B 293 -4.05 -3.41 -8.26
CA TYR B 293 -3.77 -3.44 -9.72
C TYR B 293 -3.25 -2.10 -10.21
N LYS B 294 -2.42 -1.45 -9.39
CA LYS B 294 -1.92 -0.09 -9.68
C LYS B 294 -1.16 0.00 -11.01
N ASP B 295 -0.52 -1.10 -11.39
CA ASP B 295 0.16 -1.20 -12.69
C ASP B 295 -0.78 -1.18 -13.91
N LYS B 296 -2.09 -1.31 -13.69
CA LYS B 296 -3.06 -1.22 -14.75
C LYS B 296 -3.82 0.10 -14.77
N PHE B 297 -3.46 1.04 -13.89
CA PHE B 297 -4.16 2.31 -13.87
C PHE B 297 -3.90 3.09 -15.15
N GLU B 298 -2.68 3.07 -15.66
CA GLU B 298 -2.38 3.78 -16.91
C GLU B 298 -3.22 3.27 -18.09
N PRO B 299 -3.11 1.97 -18.41
CA PRO B 299 -3.96 1.47 -19.50
C PRO B 299 -5.45 1.65 -19.24
N GLY B 300 -5.86 1.49 -17.98
CA GLY B 300 -7.25 1.71 -17.59
C GLY B 300 -7.72 3.11 -17.90
N ILE B 301 -6.98 4.12 -17.44
CA ILE B 301 -7.33 5.50 -17.71
C ILE B 301 -7.35 5.79 -19.21
N LEU B 302 -6.34 5.34 -19.92
CA LEU B 302 -6.29 5.59 -21.35
C LEU B 302 -7.49 4.98 -22.08
N GLN B 303 -7.92 3.79 -21.66
CA GLN B 303 -9.09 3.14 -22.25
C GLN B 303 -10.40 3.83 -21.92
N LEU B 304 -10.56 4.25 -20.67
CA LEU B 304 -11.78 4.97 -20.25
C LEU B 304 -11.85 6.29 -20.98
N SER B 305 -10.74 6.98 -21.07
CA SER B 305 -10.66 8.22 -21.85
C SER B 305 -11.03 8.00 -23.33
N GLN B 306 -10.47 6.96 -23.94
CA GLN B 306 -10.74 6.67 -25.35
C GLN B 306 -12.23 6.39 -25.57
N TRP B 307 -12.83 5.57 -24.71
CA TRP B 307 -14.25 5.28 -24.83
C TRP B 307 -15.09 6.53 -24.67
N PHE B 308 -14.69 7.40 -23.74
CA PHE B 308 -15.39 8.65 -23.56
C PHE B 308 -15.29 9.53 -24.81
N LYS B 309 -14.08 9.66 -25.34
CA LYS B 309 -13.86 10.51 -26.51
C LYS B 309 -14.53 9.98 -27.78
N GLU B 310 -14.62 8.67 -27.91
CA GLU B 310 -15.34 8.03 -29.01
C GLU B 310 -16.87 8.19 -28.90
N GLY B 311 -17.37 8.72 -27.78
CA GLY B 311 -18.82 8.83 -27.56
C GLY B 311 -19.50 7.58 -27.08
N LYS B 312 -18.72 6.56 -26.69
CA LYS B 312 -19.28 5.27 -26.28
C LYS B 312 -19.61 5.28 -24.81
N LEU B 313 -18.68 5.77 -24.00
CA LEU B 313 -18.85 5.82 -22.54
C LEU B 313 -19.54 7.11 -22.13
N LYS B 314 -20.73 6.97 -21.54
CA LYS B 314 -21.51 8.11 -21.08
CA LYS B 314 -21.51 8.11 -21.08
C LYS B 314 -21.19 8.36 -19.61
N ILE B 315 -20.79 9.59 -19.32
CA ILE B 315 -20.32 9.94 -17.99
C ILE B 315 -21.36 10.78 -17.29
N LYS B 316 -21.88 10.28 -16.17
CA LYS B 316 -22.87 11.00 -15.38
C LYS B 316 -22.26 11.46 -14.09
N GLU B 317 -22.60 12.66 -13.67
CA GLU B 317 -22.18 13.16 -12.36
C GLU B 317 -23.21 14.06 -11.75
N THR B 318 -23.12 14.19 -10.44
CA THR B 318 -23.96 15.12 -9.68
C THR B 318 -23.02 16.04 -8.93
N VAL B 319 -23.06 17.31 -9.28
CA VAL B 319 -22.14 18.30 -8.70
C VAL B 319 -22.87 19.24 -7.73
N ILE B 320 -22.34 19.34 -6.52
CA ILE B 320 -22.77 20.33 -5.51
C ILE B 320 -21.66 21.38 -5.38
N ASN B 321 -22.01 22.66 -5.26
CA ASN B 321 -21.01 23.72 -5.11
C ASN B 321 -20.70 24.11 -3.67
N GLY B 322 -19.41 24.32 -3.40
CA GLY B 322 -18.94 24.90 -2.15
C GLY B 322 -18.45 23.90 -1.14
N LEU B 323 -17.28 24.19 -0.54
CA LEU B 323 -16.72 23.33 0.52
C LEU B 323 -17.65 23.17 1.71
N GLU B 324 -18.45 24.19 1.97
CA GLU B 324 -19.39 24.12 3.09
C GLU B 324 -20.41 22.99 2.90
N ASN B 325 -20.52 22.48 1.69
CA ASN B 325 -21.43 21.38 1.38
C ASN B 325 -20.82 19.98 1.30
N MET B 326 -19.57 19.82 1.72
CA MET B 326 -18.95 18.48 1.76
C MET B 326 -19.80 17.51 2.59
N GLY B 327 -20.21 17.93 3.79
CA GLY B 327 -20.96 17.04 4.68
C GLY B 327 -22.30 16.65 4.09
N ALA B 328 -22.98 17.65 3.54
CA ALA B 328 -24.25 17.44 2.87
C ALA B 328 -24.11 16.52 1.66
N ALA B 329 -23.04 16.70 0.89
CA ALA B 329 -22.76 15.87 -0.29
C ALA B 329 -22.54 14.41 0.11
N PHE B 330 -21.79 14.22 1.19
CA PHE B 330 -21.53 12.87 1.67
C PHE B 330 -22.83 12.21 2.12
N GLN B 331 -23.61 12.92 2.93
CA GLN B 331 -24.90 12.39 3.41
CA GLN B 331 -24.89 12.38 3.40
C GLN B 331 -25.81 12.05 2.22
N SER B 332 -25.87 12.95 1.26
CA SER B 332 -26.68 12.76 0.06
C SER B 332 -26.26 11.53 -0.72
N MET B 333 -24.96 11.39 -0.96
CA MET B 333 -24.47 10.24 -1.71
C MET B 333 -24.80 8.93 -0.98
N MET B 334 -24.62 8.91 0.34
CA MET B 334 -24.85 7.68 1.09
C MET B 334 -26.33 7.25 1.06
N THR B 335 -27.23 8.20 0.79
CA THR B 335 -28.66 7.94 0.74
C THR B 335 -29.24 8.02 -0.67
N GLY B 336 -28.39 7.97 -1.69
CA GLY B 336 -28.85 7.86 -3.07
C GLY B 336 -29.24 9.15 -3.76
N GLY B 337 -28.88 10.30 -3.20
CA GLY B 337 -29.15 11.57 -3.86
C GLY B 337 -28.40 11.77 -5.18
N ASN B 338 -27.28 11.05 -5.35
CA ASN B 338 -26.45 11.18 -6.55
C ASN B 338 -26.88 10.30 -7.69
N ILE B 339 -26.82 10.88 -8.89
CA ILE B 339 -26.87 10.13 -10.11
C ILE B 339 -25.47 10.19 -10.72
N GLY B 340 -24.87 9.03 -10.93
CA GLY B 340 -23.45 8.99 -11.27
C GLY B 340 -22.58 9.46 -10.11
N LYS B 341 -21.41 10.01 -10.45
CA LYS B 341 -20.41 10.36 -9.46
CA LYS B 341 -20.42 10.36 -9.45
C LYS B 341 -20.84 11.61 -8.68
N GLN B 342 -20.82 11.53 -7.36
CA GLN B 342 -20.99 12.72 -6.52
C GLN B 342 -19.70 13.52 -6.45
N ILE B 343 -19.79 14.79 -6.82
CA ILE B 343 -18.65 15.70 -6.87
C ILE B 343 -19.00 16.95 -6.09
N VAL B 344 -18.02 17.55 -5.44
CA VAL B 344 -18.17 18.87 -4.86
C VAL B 344 -17.19 19.85 -5.53
N CYS B 345 -17.75 20.87 -6.17
CA CYS B 345 -16.94 21.91 -6.81
C CYS B 345 -16.50 22.97 -5.81
N ILE B 346 -15.18 23.11 -5.63
CA ILE B 346 -14.62 23.90 -4.54
C ILE B 346 -14.28 25.32 -4.99
N SER B 347 -13.91 25.48 -6.25
CA SER B 347 -13.57 26.80 -6.74
C SER B 347 -14.66 27.30 -7.68
N GLU B 348 -15.33 28.38 -7.20
CA GLU B 348 -16.56 28.96 -7.78
C GLU B 348 -16.34 29.58 -9.16
N GLU B 349 -15.07 29.86 -9.49
CA GLU B 349 -14.66 30.31 -10.82
C GLU B 349 -14.86 29.22 -11.87
N ILE B 350 -14.82 27.95 -11.46
CA ILE B 350 -14.97 26.82 -12.38
C ILE B 350 -16.40 26.24 -12.37
N ALA B 351 -17.25 26.76 -11.48
CA ALA B 351 -18.59 26.23 -11.24
C ALA B 351 -19.51 26.24 -12.47
N GLU B 352 -20.50 25.33 -12.45
CA GLU B 352 -21.52 25.22 -13.49
C GLU B 352 -20.99 24.78 -14.87
N ASN B 353 -19.84 24.09 -14.87
CA ASN B 353 -19.16 23.70 -16.11
C ASN B 353 -18.94 24.91 -17.04
N LEU B 354 -18.58 26.05 -16.45
CA LEU B 354 -18.47 27.30 -17.21
C LEU B 354 -17.53 27.19 -18.42
N TYR B 355 -16.40 26.50 -18.25
CA TYR B 355 -15.36 26.36 -19.29
C TYR B 355 -15.47 25.06 -20.11
#